data_8K12
#
_entry.id   8K12
#
_cell.length_a   1.00
_cell.length_b   1.00
_cell.length_c   1.00
_cell.angle_alpha   90.00
_cell.angle_beta   90.00
_cell.angle_gamma   90.00
#
_symmetry.space_group_name_H-M   'P 1'
#
_entity_poly.entity_id   1
_entity_poly.type   'polypeptide(L)'
_entity_poly.pdbx_seq_one_letter_code
;VTSEAYVSGMLFCLGIFLSFYLLTVLLACWENWRQKKKTLLVAIDRACPESGHPRVLADSFPGSSPYEGYNYGSFENVDT
LTDIDSDKNVIRTKQYLYVADLARKDKRVLRKKYQIYFWNIATIAVFYALPVVQLVITYQTVVNVTGNQDICYYNFLCAH
PLGNLSAFNNILSNLGYILLGLLFLLIILQREINHNRALLRNDLCALECGIPKHFGLFYAMGTALMMEGLLSACYHVCPN
YTNFQFDTSFMYMIAGLCMLKLYQKRHPDINASAYSAYACLAIVIFFSVLGVVFGKGNTAFWIVFSIIHIIATLLLSTQL
YYMGRWKLDSGIFRRILHVLYTDCIRQCSGPLYVDRMVLLVMGNVINWSLAAYGLIMRPNDFASYLLAIGICNLLLYFAF
YIIMKLRSGERIKLIPLLCIVCTSVVWGFALFFFFQGLSTWQKTPAESREHNRDCILLDFFDDHDIWHFLSSIAMFGSFL
VLLTLDDDLDTVQRDKIYVFDYKDHDGDYKDHDIDYKDDDDK
;
_entity_poly.pdbx_strand_id   A,B
#
# COMPACT_ATOMS: atom_id res chain seq x y z
N VAL A 1 -20.67 8.66 32.13
CA VAL A 1 -21.51 7.44 32.32
C VAL A 1 -20.81 6.50 33.30
N THR A 2 -21.56 5.63 33.99
CA THR A 2 -20.99 4.71 35.00
C THR A 2 -20.33 3.52 34.31
N SER A 3 -19.64 2.68 35.09
CA SER A 3 -18.96 1.48 34.53
C SER A 3 -19.98 0.39 34.19
N GLU A 4 -21.16 0.44 34.82
CA GLU A 4 -22.23 -0.55 34.48
C GLU A 4 -22.48 -0.49 32.97
N ALA A 5 -22.76 0.71 32.45
CA ALA A 5 -22.95 0.87 31.01
C ALA A 5 -21.85 0.19 30.18
N TYR A 6 -20.59 0.22 30.65
CA TYR A 6 -19.51 -0.56 30.02
C TYR A 6 -19.80 -2.06 30.05
N VAL A 7 -20.23 -2.58 31.21
CA VAL A 7 -20.55 -4.00 31.37
C VAL A 7 -21.76 -4.38 30.52
N SER A 8 -22.82 -3.57 30.52
CA SER A 8 -24.01 -3.82 29.71
C SER A 8 -23.69 -3.78 28.21
N GLY A 9 -22.89 -2.83 27.75
CA GLY A 9 -22.42 -2.74 26.36
C GLY A 9 -21.59 -3.95 25.93
N MET A 10 -20.65 -4.40 26.76
CA MET A 10 -19.85 -5.60 26.50
C MET A 10 -20.70 -6.87 26.47
N LEU A 11 -21.58 -7.07 27.45
CA LEU A 11 -22.48 -8.23 27.51
C LEU A 11 -23.46 -8.24 26.34
N PHE A 12 -23.98 -7.09 25.93
CA PHE A 12 -24.86 -6.95 24.79
C PHE A 12 -24.16 -7.33 23.48
N CYS A 13 -22.97 -6.78 23.22
CA CYS A 13 -22.17 -7.11 22.04
C CYS A 13 -21.84 -8.60 21.98
N LEU A 14 -21.28 -9.17 23.06
CA LEU A 14 -20.97 -10.60 23.13
C LEU A 14 -22.22 -11.46 23.01
N GLY A 15 -23.32 -11.09 23.66
CA GLY A 15 -24.59 -11.82 23.63
C GLY A 15 -25.16 -11.94 22.22
N ILE A 16 -25.17 -10.84 21.44
CA ILE A 16 -25.62 -10.86 20.04
C ILE A 16 -24.78 -11.83 19.22
N PHE A 17 -23.45 -11.72 19.24
CA PHE A 17 -22.62 -12.52 18.34
C PHE A 17 -22.51 -13.98 18.78
N LEU A 18 -22.45 -14.27 20.09
CA LEU A 18 -22.47 -15.63 20.61
C LEU A 18 -23.79 -16.35 20.31
N SER A 19 -24.90 -15.62 20.14
CA SER A 19 -26.17 -16.22 19.72
C SER A 19 -26.08 -16.89 18.34
N PHE A 20 -25.28 -16.34 17.41
CA PHE A 20 -25.02 -16.96 16.11
C PHE A 20 -24.21 -18.25 16.24
N TYR A 21 -23.22 -18.28 17.13
CA TYR A 21 -22.47 -19.51 17.44
C TYR A 21 -23.40 -20.58 18.02
N LEU A 22 -24.24 -20.23 19.00
CA LEU A 22 -25.23 -21.15 19.55
C LEU A 22 -26.20 -21.65 18.48
N LEU A 23 -26.73 -20.76 17.63
CA LEU A 23 -27.62 -21.13 16.53
C LEU A 23 -26.95 -22.11 15.55
N THR A 24 -25.70 -21.85 15.15
CA THR A 24 -24.98 -22.77 14.24
C THR A 24 -24.71 -24.14 14.86
N VAL A 25 -24.38 -24.20 16.16
CA VAL A 25 -24.23 -25.47 16.89
C VAL A 25 -25.55 -26.20 16.97
N LEU A 26 -26.65 -25.51 17.29
CA LEU A 26 -28.00 -26.10 17.32
C LEU A 26 -28.42 -26.65 15.95
N LEU A 27 -28.15 -25.92 14.86
CA LEU A 27 -28.41 -26.37 13.49
C LEU A 27 -27.55 -27.58 13.13
N ALA A 28 -26.25 -27.59 13.49
CA ALA A 28 -25.38 -28.74 13.26
C ALA A 28 -25.82 -29.98 14.04
N CYS A 29 -26.23 -29.81 15.30
CA CYS A 29 -26.80 -30.87 16.13
C CYS A 29 -28.12 -31.40 15.54
N TRP A 30 -28.99 -30.51 15.06
CA TRP A 30 -30.22 -30.89 14.36
C TRP A 30 -29.89 -31.73 13.12
N PHE A 118 -6.27 -16.38 -1.73
CA PHE A 118 -5.86 -16.81 -0.40
C PHE A 118 -5.42 -15.61 0.44
N TRP A 119 -4.11 -15.35 0.45
CA TRP A 119 -3.53 -14.26 1.21
C TRP A 119 -3.21 -13.04 0.34
N ASN A 120 -3.61 -13.06 -0.93
CA ASN A 120 -3.32 -11.93 -1.81
C ASN A 120 -3.99 -10.66 -1.30
N ILE A 121 -5.29 -10.74 -0.97
CA ILE A 121 -5.97 -9.59 -0.41
C ILE A 121 -5.45 -9.27 0.99
N ALA A 122 -5.10 -10.30 1.76
CA ALA A 122 -4.56 -10.07 3.09
C ALA A 122 -3.24 -9.32 3.03
N THR A 123 -2.36 -9.69 2.09
CA THR A 123 -1.07 -9.02 1.98
C THR A 123 -1.23 -7.61 1.42
N ILE A 124 -2.19 -7.41 0.53
CA ILE A 124 -2.30 -6.12 -0.17
C ILE A 124 -2.64 -5.01 0.81
N ALA A 125 -3.60 -5.25 1.70
CA ALA A 125 -3.99 -4.20 2.64
C ALA A 125 -3.09 -4.16 3.87
N VAL A 126 -2.36 -5.24 4.15
CA VAL A 126 -1.28 -5.15 5.12
C VAL A 126 -0.26 -4.11 4.67
N PHE A 127 -0.03 -4.05 3.35
CA PHE A 127 0.75 -2.94 2.79
C PHE A 127 0.03 -1.61 2.99
N TYR A 128 -1.31 -1.63 2.90
CA TYR A 128 -2.07 -0.39 2.94
C TYR A 128 -2.34 0.05 4.38
N ALA A 129 -2.80 -0.87 5.23
CA ALA A 129 -3.28 -0.49 6.56
C ALA A 129 -2.16 -0.03 7.48
N LEU A 130 -0.98 -0.65 7.40
CA LEU A 130 0.07 -0.36 8.37
C LEU A 130 0.51 1.10 8.35
N PRO A 131 0.74 1.76 7.20
CA PRO A 131 1.02 3.21 7.26
C PRO A 131 -0.11 4.00 7.88
N VAL A 132 -1.36 3.58 7.67
CA VAL A 132 -2.50 4.20 8.34
C VAL A 132 -2.47 3.94 9.83
N VAL A 133 -2.00 2.76 10.25
CA VAL A 133 -1.94 2.43 11.67
C VAL A 133 -1.01 3.38 12.41
N GLN A 134 0.16 3.65 11.81
CA GLN A 134 1.12 4.54 12.46
C GLN A 134 0.55 5.96 12.60
N LEU A 135 -0.13 6.44 11.57
CA LEU A 135 -0.68 7.79 11.61
C LEU A 135 -1.68 7.95 12.74
N VAL A 136 -2.53 6.94 12.94
CA VAL A 136 -3.54 7.00 14.01
C VAL A 136 -2.86 7.07 15.37
N ILE A 137 -1.85 6.22 15.58
CA ILE A 137 -1.15 6.20 16.87
C ILE A 137 -0.42 7.53 17.09
N THR A 138 0.27 8.02 16.06
CA THR A 138 0.98 9.27 16.18
C THR A 138 0.03 10.42 16.46
N TYR A 139 -1.09 10.48 15.74
CA TYR A 139 -2.05 11.55 15.95
C TYR A 139 -2.72 11.45 17.32
N GLN A 140 -3.07 10.22 17.74
CA GLN A 140 -3.73 10.04 19.04
C GLN A 140 -2.83 10.49 20.18
N THR A 141 -1.53 10.17 20.10
CA THR A 141 -0.59 10.64 21.12
C THR A 141 -0.54 12.16 21.15
N VAL A 142 -0.61 12.80 19.99
CA VAL A 142 -0.58 14.26 19.93
C VAL A 142 -1.78 14.85 20.66
N VAL A 143 -2.97 14.29 20.42
CA VAL A 143 -4.17 14.79 21.08
C VAL A 143 -4.06 14.63 22.59
N ASN A 144 -3.52 13.48 23.03
CA ASN A 144 -3.41 13.22 24.46
C ASN A 144 -2.47 14.22 25.15
N VAL A 145 -1.37 14.56 24.50
CA VAL A 145 -0.34 15.37 25.16
C VAL A 145 -0.47 16.86 24.82
N THR A 146 -0.86 17.20 23.59
CA THR A 146 -0.95 18.60 23.22
C THR A 146 -2.15 19.27 23.87
N GLY A 147 -3.27 18.55 23.99
CA GLY A 147 -4.51 19.09 24.50
C GLY A 147 -5.45 19.58 23.44
N ASN A 148 -4.95 19.74 22.21
CA ASN A 148 -5.77 20.17 21.08
C ASN A 148 -6.65 19.01 20.61
N GLN A 149 -7.97 19.22 20.65
CA GLN A 149 -8.94 18.20 20.28
C GLN A 149 -9.50 18.41 18.88
N ASP A 150 -8.79 19.16 18.04
CA ASP A 150 -9.22 19.45 16.68
C ASP A 150 -8.62 18.50 15.66
N ILE A 151 -7.87 17.49 16.11
CA ILE A 151 -7.22 16.54 15.23
C ILE A 151 -8.16 15.42 14.83
N CYS A 152 -8.76 14.74 15.81
CA CYS A 152 -9.56 13.56 15.56
C CYS A 152 -11.04 13.94 15.45
N TYR A 153 -11.72 13.33 14.49
CA TYR A 153 -13.12 13.66 14.21
C TYR A 153 -14.03 12.66 14.91
N TYR A 154 -14.03 12.75 16.24
CA TYR A 154 -14.79 11.81 17.06
C TYR A 154 -16.27 12.17 17.01
N ASN A 155 -17.06 11.50 17.84
CA ASN A 155 -18.45 11.87 18.13
C ASN A 155 -18.44 12.32 19.59
N PHE A 156 -18.11 13.60 19.81
CA PHE A 156 -17.77 14.07 21.14
C PHE A 156 -18.96 14.08 22.09
N LEU A 157 -20.19 14.09 21.57
CA LEU A 157 -21.34 14.03 22.45
C LEU A 157 -21.48 12.66 23.10
N CYS A 158 -21.06 11.60 22.42
CA CYS A 158 -21.15 10.25 22.95
C CYS A 158 -19.90 9.50 22.49
N ALA A 159 -18.87 9.54 23.33
CA ALA A 159 -17.59 8.87 23.05
C ALA A 159 -16.95 8.56 24.39
N HIS A 160 -17.01 7.30 24.81
CA HIS A 160 -16.67 6.94 26.18
C HIS A 160 -15.25 6.42 26.24
N PRO A 161 -14.38 7.04 27.03
CA PRO A 161 -12.97 6.64 27.03
C PRO A 161 -12.68 5.48 27.96
N LEU A 162 -11.51 4.87 27.75
CA LEU A 162 -10.99 3.83 28.64
C LEU A 162 -9.48 3.76 28.42
N GLY A 163 -8.73 3.91 29.51
CA GLY A 163 -7.27 3.98 29.37
C GLY A 163 -6.87 5.27 28.66
N ASN A 164 -6.00 5.15 27.68
CA ASN A 164 -5.58 6.28 26.87
C ASN A 164 -6.49 6.50 25.66
N LEU A 165 -7.45 5.63 25.43
CA LEU A 165 -8.31 5.71 24.25
C LEU A 165 -9.43 6.70 24.49
N SER A 166 -9.77 7.48 23.46
CA SER A 166 -10.71 8.58 23.60
C SER A 166 -12.15 8.16 23.30
N ALA A 167 -12.34 7.20 22.42
CA ALA A 167 -13.68 6.67 22.10
C ALA A 167 -13.57 5.15 22.11
N PHE A 168 -13.77 4.55 23.28
CA PHE A 168 -13.62 3.11 23.43
C PHE A 168 -14.81 2.35 22.83
N ASN A 169 -16.00 2.97 22.82
CA ASN A 169 -17.16 2.31 22.24
C ASN A 169 -17.01 2.13 20.74
N ASN A 170 -16.41 3.11 20.06
CA ASN A 170 -16.24 3.02 18.62
C ASN A 170 -15.27 1.92 18.22
N ILE A 171 -14.25 1.66 19.05
CA ILE A 171 -13.38 0.51 18.81
C ILE A 171 -14.08 -0.79 19.14
N LEU A 172 -14.85 -0.81 20.24
CA LEU A 172 -15.53 -2.03 20.66
C LEU A 172 -16.68 -2.39 19.73
N SER A 173 -17.19 -1.43 18.94
CA SER A 173 -18.31 -1.72 18.06
C SER A 173 -17.93 -2.67 16.93
N ASN A 174 -16.66 -2.78 16.59
CA ASN A 174 -16.21 -3.65 15.52
C ASN A 174 -15.99 -5.08 15.96
N LEU A 175 -16.26 -5.39 17.24
CA LEU A 175 -16.04 -6.74 17.73
C LEU A 175 -16.82 -7.78 16.94
N GLY A 176 -17.96 -7.38 16.37
CA GLY A 176 -18.76 -8.28 15.56
C GLY A 176 -18.02 -8.81 14.34
N TYR A 177 -17.23 -7.94 13.72
CA TYR A 177 -16.48 -8.35 12.53
C TYR A 177 -15.55 -9.51 12.84
N ILE A 178 -14.97 -9.53 14.04
CA ILE A 178 -14.05 -10.60 14.40
C ILE A 178 -14.81 -11.90 14.70
N LEU A 179 -15.80 -11.82 15.60
CA LEU A 179 -16.51 -13.04 15.99
C LEU A 179 -17.40 -13.56 14.88
N LEU A 180 -18.19 -12.69 14.24
CA LEU A 180 -19.09 -13.15 13.19
C LEU A 180 -18.33 -13.47 11.91
N GLY A 181 -17.29 -12.69 11.61
CA GLY A 181 -16.47 -12.99 10.44
C GLY A 181 -15.75 -14.32 10.59
N LEU A 182 -15.21 -14.59 11.78
CA LEU A 182 -14.60 -15.89 12.04
C LEU A 182 -15.62 -17.01 11.89
N LEU A 183 -16.87 -16.74 12.25
CA LEU A 183 -17.91 -17.75 12.17
C LEU A 183 -18.14 -18.20 10.72
N PHE A 184 -17.77 -17.35 9.76
CA PHE A 184 -17.86 -17.75 8.37
C PHE A 184 -16.81 -18.78 8.01
N LEU A 185 -15.72 -18.84 8.78
CA LEU A 185 -14.67 -19.81 8.50
C LEU A 185 -15.06 -21.22 8.95
N LEU A 186 -15.67 -21.33 10.14
CA LEU A 186 -16.07 -22.65 10.61
C LEU A 186 -17.17 -23.25 9.73
N ILE A 187 -18.12 -22.43 9.29
CA ILE A 187 -19.23 -22.96 8.51
C ILE A 187 -18.74 -23.44 7.15
N ILE A 188 -17.79 -22.72 6.54
CA ILE A 188 -17.22 -23.18 5.27
C ILE A 188 -16.27 -24.34 5.50
N LEU A 189 -15.55 -24.33 6.63
CA LEU A 189 -14.64 -25.45 6.93
C LEU A 189 -15.43 -26.69 7.32
N GLN A 190 -16.53 -26.52 8.05
CA GLN A 190 -17.39 -27.65 8.38
C GLN A 190 -17.97 -28.28 7.12
N ARG A 191 -18.39 -27.43 6.17
CA ARG A 191 -18.82 -27.94 4.88
C ARG A 191 -17.68 -28.65 4.15
N GLU A 192 -16.47 -28.07 4.20
CA GLU A 192 -15.34 -28.63 3.47
C GLU A 192 -14.96 -30.01 4.01
N ILE A 193 -14.92 -30.16 5.33
CA ILE A 193 -14.59 -31.47 5.90
C ILE A 193 -15.71 -32.47 5.63
N ASN A 194 -16.97 -32.01 5.67
CA ASN A 194 -18.08 -32.89 5.30
C ASN A 194 -17.99 -33.29 3.82
N HIS A 195 -17.63 -32.34 2.97
CA HIS A 195 -17.45 -32.65 1.55
C HIS A 195 -16.36 -33.68 1.34
N ASN A 196 -15.24 -33.53 2.03
CA ASN A 196 -14.12 -34.46 1.84
C ASN A 196 -14.44 -35.83 2.42
N ARG A 197 -15.16 -35.89 3.55
CA ARG A 197 -15.54 -37.16 4.11
C ARG A 197 -16.53 -37.90 3.21
N ALA A 198 -17.50 -37.17 2.64
CA ALA A 198 -18.49 -37.79 1.77
C ALA A 198 -17.85 -38.33 0.50
N LEU A 199 -16.90 -37.58 -0.07
CA LEU A 199 -16.27 -38.00 -1.31
C LEU A 199 -15.39 -39.24 -1.12
N LEU A 200 -14.88 -39.46 0.09
CA LEU A 200 -14.02 -40.61 0.35
C LEU A 200 -14.82 -41.91 0.25
N ILE A 211 -22.76 -27.88 -9.71
CA ILE A 211 -22.25 -26.63 -9.18
C ILE A 211 -20.79 -26.77 -8.82
N PRO A 212 -19.94 -25.91 -9.39
CA PRO A 212 -18.49 -26.02 -9.13
C PRO A 212 -18.17 -25.87 -7.65
N LYS A 213 -17.22 -26.68 -7.19
CA LYS A 213 -16.78 -26.68 -5.80
C LYS A 213 -15.41 -25.99 -5.72
N HIS A 214 -15.40 -24.82 -5.10
CA HIS A 214 -14.16 -24.05 -4.92
C HIS A 214 -14.30 -23.28 -3.61
N PHE A 215 -13.79 -23.85 -2.53
CA PHE A 215 -13.91 -23.24 -1.21
C PHE A 215 -12.83 -22.20 -0.93
N GLY A 216 -11.87 -22.02 -1.84
CA GLY A 216 -10.78 -21.10 -1.58
C GLY A 216 -11.23 -19.66 -1.47
N LEU A 217 -12.11 -19.22 -2.38
CA LEU A 217 -12.51 -17.82 -2.37
C LEU A 217 -13.35 -17.48 -1.14
N PHE A 218 -14.08 -18.45 -0.60
CA PHE A 218 -14.84 -18.20 0.62
C PHE A 218 -13.92 -17.90 1.79
N TYR A 219 -12.77 -18.57 1.85
CA TYR A 219 -11.78 -18.26 2.89
C TYR A 219 -11.25 -16.84 2.71
N ALA A 220 -11.13 -16.38 1.47
CA ALA A 220 -10.65 -15.03 1.23
C ALA A 220 -11.62 -13.99 1.77
N MET A 221 -12.92 -14.22 1.59
CA MET A 221 -13.91 -13.34 2.17
C MET A 221 -13.88 -13.42 3.70
N GLY A 222 -13.58 -14.60 4.23
CA GLY A 222 -13.52 -14.76 5.67
C GLY A 222 -12.43 -13.92 6.32
N THR A 223 -11.20 -14.02 5.81
CA THR A 223 -10.13 -13.23 6.37
C THR A 223 -10.28 -11.76 6.02
N ALA A 224 -11.04 -11.45 4.96
CA ALA A 224 -11.36 -10.06 4.66
C ALA A 224 -12.23 -9.46 5.76
N LEU A 225 -13.20 -10.23 6.26
CA LEU A 225 -14.09 -9.71 7.30
C LEU A 225 -13.36 -9.57 8.63
N MET A 226 -12.39 -10.44 8.91
CA MET A 226 -11.59 -10.28 10.13
C MET A 226 -10.72 -9.03 10.03
N MET A 227 -10.25 -8.70 8.83
CA MET A 227 -9.41 -7.51 8.69
C MET A 227 -10.22 -6.23 8.85
N GLU A 228 -11.55 -6.32 8.84
CA GLU A 228 -12.36 -5.23 9.36
C GLU A 228 -12.09 -5.03 10.84
N GLY A 229 -12.10 -6.13 11.60
CA GLY A 229 -12.01 -6.02 13.05
C GLY A 229 -10.68 -5.50 13.54
N LEU A 230 -9.68 -5.46 12.66
CA LEU A 230 -8.38 -4.92 13.06
C LEU A 230 -8.21 -3.50 12.53
N LEU A 231 -8.32 -3.30 11.23
CA LEU A 231 -8.09 -1.98 10.66
C LEU A 231 -9.22 -1.01 11.00
N SER A 232 -10.47 -1.44 10.84
CA SER A 232 -11.57 -0.53 11.14
C SER A 232 -11.65 -0.22 12.63
N ALA A 233 -11.07 -1.08 13.47
CA ALA A 233 -10.89 -0.72 14.87
C ALA A 233 -9.76 0.27 15.04
N CYS A 234 -8.66 0.09 14.31
CA CYS A 234 -7.53 1.01 14.41
C CYS A 234 -7.87 2.39 13.85
N TYR A 235 -8.72 2.44 12.82
CA TYR A 235 -9.09 3.73 12.25
C TYR A 235 -9.85 4.58 13.26
N HIS A 236 -10.77 3.99 14.01
CA HIS A 236 -11.63 4.74 14.91
C HIS A 236 -10.92 5.26 16.14
N VAL A 237 -9.69 4.84 16.40
CA VAL A 237 -8.93 5.37 17.52
C VAL A 237 -8.76 6.88 17.37
N CYS A 238 -8.53 7.35 16.14
CA CYS A 238 -8.50 8.78 15.85
C CYS A 238 -8.83 8.99 14.38
N PRO A 239 -10.10 9.27 14.07
CA PRO A 239 -10.48 9.46 12.66
C PRO A 239 -9.98 10.79 12.12
N ASN A 240 -9.61 10.78 10.84
CA ASN A 240 -9.14 11.98 10.17
C ASN A 240 -9.23 11.83 8.67
N TYR A 241 -9.12 12.96 7.96
CA TYR A 241 -9.11 12.96 6.50
C TYR A 241 -7.94 12.17 5.95
N THR A 242 -6.74 12.37 6.51
CA THR A 242 -5.57 11.68 6.00
C THR A 242 -5.68 10.17 6.19
N ASN A 243 -6.56 9.73 7.09
CA ASN A 243 -6.69 8.33 7.46
C ASN A 243 -8.07 7.77 7.18
N PHE A 244 -8.91 8.50 6.44
CA PHE A 244 -10.32 8.15 6.32
C PHE A 244 -10.54 6.87 5.53
N GLN A 245 -9.91 6.75 4.36
CA GLN A 245 -10.46 5.94 3.27
C GLN A 245 -10.68 4.49 3.67
N PHE A 246 -9.71 3.87 4.35
CA PHE A 246 -9.74 2.43 4.54
C PHE A 246 -10.83 1.97 5.48
N ASP A 247 -11.48 2.87 6.20
CA ASP A 247 -12.57 2.45 7.10
C ASP A 247 -13.74 1.89 6.30
N THR A 248 -14.04 2.49 5.15
CA THR A 248 -15.12 2.04 4.30
C THR A 248 -14.64 1.49 2.96
N SER A 249 -13.39 1.75 2.59
CA SER A 249 -12.86 1.19 1.34
C SER A 249 -12.78 -0.33 1.41
N PHE A 250 -12.59 -0.87 2.61
CA PHE A 250 -12.46 -2.33 2.76
C PHE A 250 -13.79 -2.97 2.40
N MET A 251 -14.88 -2.26 2.70
CA MET A 251 -16.24 -2.78 2.39
C MET A 251 -16.30 -3.06 0.88
N TYR A 252 -15.75 -2.15 0.07
CA TYR A 252 -15.80 -2.31 -1.40
C TYR A 252 -15.04 -3.57 -1.80
N MET A 253 -13.87 -3.78 -1.20
CA MET A 253 -13.04 -4.96 -1.58
C MET A 253 -13.86 -6.23 -1.36
N ILE A 254 -14.46 -6.36 -0.18
CA ILE A 254 -15.29 -7.56 0.12
C ILE A 254 -16.45 -7.57 -0.87
N ALA A 255 -17.06 -6.41 -1.12
CA ALA A 255 -18.20 -6.32 -2.05
C ALA A 255 -17.76 -6.84 -3.43
N GLY A 256 -16.57 -6.41 -3.88
CA GLY A 256 -16.07 -6.87 -5.20
C GLY A 256 -15.84 -8.37 -5.22
N LEU A 257 -15.24 -8.91 -4.16
CA LEU A 257 -15.02 -10.37 -4.08
C LEU A 257 -16.38 -11.06 -4.17
N CYS A 258 -17.36 -10.58 -3.40
CA CYS A 258 -18.72 -11.18 -3.50
C CYS A 258 -19.11 -11.24 -4.97
N MET A 259 -18.87 -10.16 -5.70
CA MET A 259 -19.26 -10.12 -7.13
C MET A 259 -18.50 -11.23 -7.89
N LEU A 260 -17.25 -11.48 -7.51
CA LEU A 260 -16.37 -12.39 -8.30
C LEU A 260 -16.96 -13.80 -8.30
N LYS A 261 -17.38 -14.28 -7.12
CA LYS A 261 -17.96 -15.64 -7.02
C LYS A 261 -19.23 -15.68 -7.86
N LEU A 262 -19.99 -14.58 -7.87
CA LEU A 262 -21.21 -14.51 -8.71
C LEU A 262 -20.80 -14.72 -10.16
N TYR A 263 -19.71 -14.07 -10.58
CA TYR A 263 -19.20 -14.22 -11.96
C TYR A 263 -18.64 -15.64 -12.12
N GLN A 264 -18.25 -16.26 -11.01
CA GLN A 264 -17.65 -17.62 -11.07
C GLN A 264 -18.77 -18.66 -11.09
N LYS A 265 -20.03 -18.22 -11.16
CA LYS A 265 -21.15 -19.19 -11.29
C LYS A 265 -20.81 -20.18 -12.40
N ARG A 266 -20.38 -19.68 -13.56
CA ARG A 266 -19.98 -20.56 -14.68
C ARG A 266 -18.46 -20.49 -14.85
N HIS A 267 -17.73 -21.48 -14.31
CA HIS A 267 -16.25 -21.48 -14.40
C HIS A 267 -15.74 -22.86 -13.97
N ILE A 270 -10.24 -17.65 -10.96
CA ILE A 270 -10.67 -16.92 -9.77
C ILE A 270 -9.51 -16.18 -9.14
N ASN A 271 -8.35 -16.84 -9.02
CA ASN A 271 -7.23 -16.27 -8.28
C ASN A 271 -6.69 -15.00 -8.95
N ALA A 272 -6.54 -15.02 -10.28
CA ALA A 272 -5.95 -13.88 -10.96
C ALA A 272 -6.81 -12.64 -10.82
N SER A 273 -8.13 -12.79 -10.96
CA SER A 273 -9.03 -11.64 -10.89
C SER A 273 -9.14 -11.10 -9.47
N ALA A 274 -8.95 -11.94 -8.46
CA ALA A 274 -9.01 -11.48 -7.08
C ALA A 274 -7.92 -10.45 -6.79
N TYR A 275 -6.70 -10.71 -7.26
CA TYR A 275 -5.61 -9.77 -7.07
C TYR A 275 -5.89 -8.45 -7.78
N SER A 276 -6.39 -8.52 -9.02
CA SER A 276 -6.72 -7.31 -9.76
C SER A 276 -7.84 -6.54 -9.07
N ALA A 277 -8.87 -7.25 -8.59
CA ALA A 277 -9.98 -6.59 -7.95
C ALA A 277 -9.53 -5.80 -6.72
N TYR A 278 -8.67 -6.41 -5.90
CA TYR A 278 -8.07 -5.67 -4.80
C TYR A 278 -7.15 -4.57 -5.31
N ALA A 279 -6.41 -4.85 -6.38
CA ALA A 279 -5.51 -3.84 -6.94
C ALA A 279 -6.29 -2.71 -7.62
N CYS A 280 -7.33 -3.06 -8.38
CA CYS A 280 -8.12 -2.04 -9.04
C CYS A 280 -8.82 -1.13 -8.03
N LEU A 281 -9.30 -1.72 -6.92
CA LEU A 281 -9.97 -0.93 -5.91
C LEU A 281 -9.00 -0.06 -5.13
N ALA A 282 -7.76 -0.53 -4.96
CA ALA A 282 -6.74 0.29 -4.33
C ALA A 282 -6.48 1.54 -5.16
N ILE A 283 -6.42 1.40 -6.50
CA ILE A 283 -6.27 2.54 -7.38
C ILE A 283 -7.45 3.48 -7.25
N VAL A 284 -8.66 2.92 -7.20
CA VAL A 284 -9.88 3.74 -7.13
C VAL A 284 -9.89 4.57 -5.86
N ILE A 285 -9.39 4.01 -4.76
CA ILE A 285 -9.35 4.73 -3.49
C ILE A 285 -8.55 6.02 -3.63
N PHE A 286 -7.37 5.93 -4.23
CA PHE A 286 -6.49 7.10 -4.31
C PHE A 286 -6.94 8.04 -5.42
N PHE A 287 -7.47 7.50 -6.52
CA PHE A 287 -8.06 8.35 -7.54
C PHE A 287 -9.21 9.16 -6.97
N SER A 288 -9.98 8.57 -6.05
CA SER A 288 -10.98 9.34 -5.33
C SER A 288 -10.33 10.41 -4.46
N VAL A 289 -9.24 10.06 -3.79
CA VAL A 289 -8.58 11.02 -2.89
C VAL A 289 -7.99 12.18 -3.68
N LEU A 290 -7.46 11.90 -4.87
CA LEU A 290 -6.87 12.97 -5.68
C LEU A 290 -7.93 13.98 -6.09
N GLY A 291 -9.08 13.50 -6.57
CA GLY A 291 -10.15 14.41 -6.93
C GLY A 291 -10.76 15.13 -5.74
N VAL A 292 -10.90 14.42 -4.61
CA VAL A 292 -11.51 14.98 -3.41
C VAL A 292 -10.62 16.03 -2.74
N VAL A 293 -9.36 16.17 -3.16
CA VAL A 293 -8.51 17.23 -2.62
C VAL A 293 -9.16 18.60 -2.85
N PHE A 294 -9.74 18.79 -4.04
CA PHE A 294 -10.51 19.99 -4.37
C PHE A 294 -12.00 19.71 -4.29
N GLY A 295 -12.43 18.91 -3.30
CA GLY A 295 -13.81 18.48 -3.24
C GLY A 295 -14.80 19.62 -3.15
N LYS A 296 -14.44 20.69 -2.44
CA LYS A 296 -15.29 21.86 -2.35
C LYS A 296 -15.44 22.49 -3.73
N GLY A 297 -16.64 22.40 -4.30
CA GLY A 297 -16.89 22.90 -5.63
C GLY A 297 -16.15 22.16 -6.73
N ASN A 298 -16.10 20.84 -6.64
CA ASN A 298 -15.45 20.02 -7.67
C ASN A 298 -16.48 19.64 -8.74
N THR A 299 -16.87 20.65 -9.51
CA THR A 299 -17.88 20.45 -10.55
C THR A 299 -17.37 19.47 -11.62
N ALA A 300 -16.08 19.53 -11.94
CA ALA A 300 -15.52 18.61 -12.94
C ALA A 300 -15.65 17.16 -12.49
N PHE A 301 -15.36 16.88 -11.21
CA PHE A 301 -15.54 15.53 -10.71
C PHE A 301 -17.00 15.13 -10.66
N TRP A 302 -17.91 16.10 -10.51
CA TRP A 302 -19.34 15.79 -10.53
C TRP A 302 -19.79 15.30 -11.90
N ILE A 303 -19.13 15.72 -12.97
CA ILE A 303 -19.48 15.32 -14.32
C ILE A 303 -18.61 14.15 -14.80
N VAL A 304 -17.31 14.22 -14.56
CA VAL A 304 -16.40 13.18 -15.03
C VAL A 304 -16.73 11.83 -14.40
N PHE A 305 -17.10 11.84 -13.11
CA PHE A 305 -17.45 10.59 -12.44
C PHE A 305 -18.71 9.98 -13.05
N SER A 306 -19.68 10.81 -13.42
CA SER A 306 -20.91 10.30 -14.03
C SER A 306 -20.62 9.65 -15.38
N ILE A 307 -19.77 10.28 -16.19
CA ILE A 307 -19.42 9.69 -17.48
C ILE A 307 -18.67 8.39 -17.28
N ILE A 308 -17.73 8.36 -16.33
CA ILE A 308 -17.02 7.13 -16.01
C ILE A 308 -17.99 6.07 -15.50
N HIS A 309 -18.95 6.49 -14.66
CA HIS A 309 -19.93 5.56 -14.13
C HIS A 309 -20.77 4.95 -15.24
N ILE A 310 -21.17 5.76 -16.22
CA ILE A 310 -21.97 5.25 -17.33
C ILE A 310 -21.15 4.28 -18.18
N ILE A 311 -19.90 4.65 -18.47
CA ILE A 311 -19.04 3.79 -19.29
C ILE A 311 -18.73 2.48 -18.57
N ALA A 312 -18.42 2.57 -17.27
CA ALA A 312 -18.05 1.37 -16.52
C ALA A 312 -19.21 0.39 -16.44
N THR A 313 -20.42 0.88 -16.20
CA THR A 313 -21.58 0.00 -16.11
C THR A 313 -21.84 -0.71 -17.44
N LEU A 314 -21.75 0.02 -18.55
CA LEU A 314 -21.97 -0.61 -19.85
C LEU A 314 -20.92 -1.68 -20.13
N LEU A 315 -19.65 -1.38 -19.85
CA LEU A 315 -18.60 -2.38 -20.06
C LEU A 315 -18.79 -3.58 -19.15
N LEU A 316 -19.14 -3.35 -17.88
CA LEU A 316 -19.44 -4.46 -16.99
C LEU A 316 -20.65 -5.24 -17.46
N SER A 317 -21.69 -4.55 -17.93
CA SER A 317 -22.84 -5.21 -18.52
C SER A 317 -22.46 -5.98 -19.78
N THR A 318 -21.61 -5.36 -20.63
CA THR A 318 -21.21 -6.01 -21.87
C THR A 318 -20.40 -7.27 -21.60
N GLN A 319 -19.50 -7.22 -20.62
CA GLN A 319 -18.69 -8.40 -20.30
C GLN A 319 -19.56 -9.54 -19.80
N LEU A 320 -20.57 -9.24 -19.00
CA LEU A 320 -21.48 -10.27 -18.48
C LEU A 320 -22.37 -10.82 -19.59
N VAL A 354 -31.98 -12.06 -24.65
CA VAL A 354 -33.03 -11.06 -24.56
C VAL A 354 -33.22 -10.65 -23.10
N ASP A 355 -33.37 -11.64 -22.22
CA ASP A 355 -33.57 -11.34 -20.81
C ASP A 355 -32.37 -10.60 -20.22
N ARG A 356 -31.15 -11.03 -20.57
CA ARG A 356 -29.97 -10.36 -20.06
C ARG A 356 -29.84 -8.95 -20.63
N MET A 357 -30.10 -8.77 -21.92
CA MET A 357 -29.94 -7.46 -22.54
C MET A 357 -30.93 -6.45 -21.98
N VAL A 358 -32.20 -6.85 -21.85
CA VAL A 358 -33.21 -5.95 -21.30
C VAL A 358 -32.90 -5.63 -19.84
N LEU A 359 -32.47 -6.65 -19.09
CA LEU A 359 -32.22 -6.47 -17.66
C LEU A 359 -31.08 -5.50 -17.41
N LEU A 360 -30.00 -5.60 -18.17
CA LEU A 360 -28.89 -4.68 -18.00
C LEU A 360 -29.25 -3.26 -18.44
N VAL A 361 -30.17 -3.14 -19.40
CA VAL A 361 -30.62 -1.81 -19.80
C VAL A 361 -31.33 -1.12 -18.65
N MET A 362 -32.21 -1.86 -17.96
CA MET A 362 -32.90 -1.30 -16.80
C MET A 362 -31.91 -0.95 -15.69
N GLY A 363 -30.93 -1.82 -15.45
CA GLY A 363 -29.92 -1.52 -14.44
C GLY A 363 -29.12 -0.28 -14.77
N ASN A 364 -28.78 -0.10 -16.05
CA ASN A 364 -28.08 1.11 -16.47
C ASN A 364 -28.96 2.34 -16.29
N VAL A 365 -30.25 2.22 -16.61
CA VAL A 365 -31.14 3.38 -16.51
C VAL A 365 -31.24 3.85 -15.06
N ILE A 366 -31.45 2.92 -14.13
CA ILE A 366 -31.55 3.30 -12.73
C ILE A 366 -30.20 3.77 -12.19
N ASN A 367 -29.10 3.17 -12.67
CA ASN A 367 -27.78 3.63 -12.26
C ASN A 367 -27.53 5.05 -12.72
N TRP A 368 -27.94 5.38 -13.95
CA TRP A 368 -27.87 6.77 -14.41
C TRP A 368 -28.77 7.67 -13.59
N SER A 369 -29.91 7.15 -13.13
CA SER A 369 -30.79 7.95 -12.28
C SER A 369 -30.13 8.29 -10.95
N LEU A 370 -29.45 7.31 -10.33
CA LEU A 370 -28.76 7.57 -9.08
C LEU A 370 -27.62 8.58 -9.28
N ALA A 371 -26.87 8.44 -10.37
CA ALA A 371 -25.83 9.42 -10.68
C ALA A 371 -26.43 10.79 -10.92
N ALA A 372 -27.57 10.85 -11.62
CA ALA A 372 -28.25 12.12 -11.83
C ALA A 372 -28.67 12.74 -10.50
N TYR A 373 -29.11 11.92 -9.54
CA TYR A 373 -29.40 12.42 -8.21
C TYR A 373 -28.14 12.96 -7.54
N GLY A 374 -27.02 12.26 -7.71
CA GLY A 374 -25.77 12.74 -7.13
C GLY A 374 -25.28 14.02 -7.78
N LEU A 375 -25.44 14.14 -9.10
CA LEU A 375 -24.98 15.33 -9.80
C LEU A 375 -25.87 16.54 -9.48
N ILE A 376 -27.17 16.32 -9.31
CA ILE A 376 -28.10 17.44 -9.12
C ILE A 376 -28.09 17.90 -7.67
N MET A 377 -28.36 16.98 -6.74
CA MET A 377 -28.56 17.39 -5.35
C MET A 377 -27.25 17.74 -4.66
N ARG A 378 -26.28 16.82 -4.70
CA ARG A 378 -25.02 16.97 -4.00
C ARG A 378 -25.21 17.31 -2.51
N PRO A 379 -25.94 16.50 -1.75
CA PRO A 379 -26.17 16.80 -0.34
C PRO A 379 -25.11 16.26 0.60
N ASN A 380 -24.32 15.28 0.16
CA ASN A 380 -23.27 14.68 0.97
C ASN A 380 -22.00 14.60 0.13
N ASP A 381 -20.90 14.24 0.79
CA ASP A 381 -19.64 14.09 0.09
C ASP A 381 -19.70 12.90 -0.86
N PHE A 382 -18.76 12.87 -1.81
CA PHE A 382 -18.64 11.74 -2.71
C PHE A 382 -18.45 10.43 -1.96
N ALA A 383 -17.77 10.48 -0.81
CA ALA A 383 -17.47 9.26 -0.06
C ALA A 383 -18.75 8.54 0.36
N SER A 384 -19.76 9.28 0.79
CA SER A 384 -21.04 8.66 1.12
C SER A 384 -21.69 8.06 -0.11
N TYR A 385 -21.55 8.72 -1.26
CA TYR A 385 -22.17 8.22 -2.49
C TYR A 385 -21.56 6.91 -2.94
N LEU A 386 -20.23 6.78 -2.86
CA LEU A 386 -19.59 5.58 -3.37
C LEU A 386 -20.04 4.33 -2.62
N LEU A 387 -20.17 4.43 -1.30
CA LEU A 387 -20.68 3.29 -0.54
C LEU A 387 -22.15 3.03 -0.88
N ALA A 388 -22.90 4.11 -1.13
CA ALA A 388 -24.29 3.95 -1.56
C ALA A 388 -24.38 3.22 -2.89
N ILE A 389 -23.49 3.54 -3.81
CA ILE A 389 -23.50 2.89 -5.13
C ILE A 389 -23.21 1.40 -5.00
N GLY A 390 -22.22 1.04 -4.17
CA GLY A 390 -21.80 -0.35 -4.11
C GLY A 390 -22.86 -1.27 -3.56
N ILE A 391 -23.51 -0.85 -2.48
CA ILE A 391 -24.50 -1.73 -1.82
C ILE A 391 -25.72 -1.90 -2.71
N CYS A 392 -26.20 -0.82 -3.32
CA CYS A 392 -27.38 -0.93 -4.17
C CYS A 392 -27.12 -1.81 -5.38
N ASN A 393 -25.97 -1.63 -6.04
CA ASN A 393 -25.61 -2.49 -7.15
C ASN A 393 -25.46 -3.94 -6.70
N LEU A 394 -24.83 -4.15 -5.54
CA LEU A 394 -24.71 -5.50 -5.01
C LEU A 394 -26.08 -6.12 -4.77
N LEU A 395 -27.00 -5.37 -4.14
CA LEU A 395 -28.35 -5.85 -3.95
C LEU A 395 -29.05 -6.06 -5.29
N LEU A 396 -28.84 -5.15 -6.24
CA LEU A 396 -29.36 -5.36 -7.58
C LEU A 396 -28.74 -6.62 -8.19
N TYR A 397 -27.42 -6.76 -8.07
CA TYR A 397 -26.75 -7.95 -8.58
C TYR A 397 -27.25 -9.20 -7.87
N PHE A 398 -27.43 -9.12 -6.56
CA PHE A 398 -28.05 -10.22 -5.81
C PHE A 398 -29.43 -10.55 -6.35
N ALA A 399 -30.25 -9.50 -6.57
CA ALA A 399 -31.60 -9.72 -7.08
C ALA A 399 -31.58 -10.30 -8.48
N PHE A 400 -30.65 -9.84 -9.33
CA PHE A 400 -30.68 -10.24 -10.73
C PHE A 400 -30.43 -11.74 -10.89
N TYR A 401 -29.48 -12.29 -10.13
CA TYR A 401 -29.21 -13.73 -10.20
C TYR A 401 -30.45 -14.54 -9.85
N ILE A 402 -31.31 -14.00 -8.98
CA ILE A 402 -32.56 -14.68 -8.68
C ILE A 402 -33.49 -14.67 -9.89
N ILE A 403 -33.46 -13.59 -10.68
CA ILE A 403 -34.32 -13.48 -11.85
C ILE A 403 -33.99 -14.59 -12.86
N MET A 404 -32.71 -14.82 -13.13
CA MET A 404 -32.34 -15.97 -13.95
C MET A 404 -32.77 -17.27 -13.28
N LYS A 405 -32.58 -17.38 -11.96
CA LYS A 405 -33.00 -18.58 -11.26
C LYS A 405 -34.52 -18.71 -11.25
N LEU A 406 -35.23 -17.58 -11.11
CA LEU A 406 -36.69 -17.63 -11.11
C LEU A 406 -37.24 -17.89 -12.51
N ARG A 407 -36.67 -17.26 -13.54
CA ARG A 407 -37.12 -17.50 -14.90
C ARG A 407 -36.89 -18.95 -15.32
N SER A 408 -35.74 -19.51 -14.94
CA SER A 408 -35.47 -20.91 -15.22
C SER A 408 -36.33 -21.80 -14.33
N GLY A 409 -36.37 -23.09 -14.68
CA GLY A 409 -37.16 -24.05 -13.93
C GLY A 409 -36.69 -24.28 -12.51
N GLU A 410 -35.48 -23.82 -12.17
CA GLU A 410 -34.97 -23.99 -10.83
C GLU A 410 -35.82 -23.23 -9.83
N ARG A 411 -36.09 -23.86 -8.69
CA ARG A 411 -36.88 -23.27 -7.62
C ARG A 411 -35.98 -22.98 -6.42
N ILE A 412 -36.07 -21.76 -5.90
CA ILE A 412 -35.22 -21.35 -4.79
C ILE A 412 -35.66 -22.09 -3.53
N LYS A 413 -34.67 -22.65 -2.82
CA LYS A 413 -34.96 -23.36 -1.58
C LYS A 413 -35.40 -22.37 -0.50
N LEU A 414 -35.99 -22.91 0.57
CA LEU A 414 -36.54 -22.06 1.63
C LEU A 414 -35.45 -21.24 2.29
N ILE A 415 -34.30 -21.85 2.58
CA ILE A 415 -33.24 -21.14 3.30
C ILE A 415 -32.71 -19.95 2.50
N PRO A 416 -32.29 -20.10 1.24
CA PRO A 416 -31.84 -18.89 0.49
C PRO A 416 -32.93 -17.85 0.33
N LEU A 417 -34.19 -18.27 0.15
CA LEU A 417 -35.27 -17.30 -0.04
C LEU A 417 -35.46 -16.45 1.21
N LEU A 418 -35.45 -17.08 2.39
CA LEU A 418 -35.46 -16.30 3.63
C LEU A 418 -34.18 -15.50 3.77
N CYS A 419 -33.04 -16.11 3.41
CA CYS A 419 -31.76 -15.43 3.55
C CYS A 419 -31.69 -14.19 2.67
N ILE A 420 -32.22 -14.29 1.45
CA ILE A 420 -32.23 -13.13 0.55
C ILE A 420 -33.06 -12.01 1.14
N VAL A 421 -34.23 -12.35 1.69
CA VAL A 421 -35.05 -11.34 2.36
C VAL A 421 -34.34 -10.84 3.62
N CYS A 422 -33.83 -11.76 4.43
CA CYS A 422 -33.21 -11.38 5.70
C CYS A 422 -31.96 -10.53 5.48
N THR A 423 -31.16 -10.88 4.48
CA THR A 423 -30.02 -10.04 4.12
C THR A 423 -30.48 -8.67 3.65
N SER A 424 -31.54 -8.63 2.83
CA SER A 424 -31.97 -7.38 2.22
C SER A 424 -32.55 -6.42 3.25
N VAL A 425 -33.35 -6.93 4.20
CA VAL A 425 -33.98 -6.04 5.16
C VAL A 425 -32.94 -5.44 6.08
N VAL A 426 -31.93 -6.22 6.45
CA VAL A 426 -30.87 -5.71 7.33
C VAL A 426 -30.04 -4.67 6.60
N TRP A 427 -29.74 -4.91 5.32
CA TRP A 427 -29.07 -3.90 4.51
C TRP A 427 -29.91 -2.65 4.38
N GLY A 428 -31.23 -2.75 4.55
CA GLY A 428 -32.07 -1.57 4.48
C GLY A 428 -31.76 -0.57 5.58
N PHE A 429 -31.79 -1.01 6.83
CA PHE A 429 -31.44 -0.12 7.93
C PHE A 429 -29.98 0.31 7.88
N ALA A 430 -29.08 -0.60 7.49
CA ALA A 430 -27.67 -0.25 7.45
C ALA A 430 -27.42 0.94 6.54
N LEU A 431 -28.12 0.99 5.41
CA LEU A 431 -28.06 2.18 4.56
C LEU A 431 -28.65 3.39 5.27
N PHE A 432 -29.78 3.20 5.97
CA PHE A 432 -30.41 4.29 6.69
C PHE A 432 -29.49 4.85 7.78
N PHE A 433 -28.81 3.97 8.51
CA PHE A 433 -27.94 4.42 9.59
C PHE A 433 -26.65 5.05 9.05
N PHE A 434 -26.22 4.64 7.84
CA PHE A 434 -25.01 5.22 7.27
C PHE A 434 -25.25 6.66 6.80
N PHE A 435 -26.43 6.94 6.26
CA PHE A 435 -26.72 8.26 5.71
C PHE A 435 -26.98 9.31 6.79
N GLN A 436 -26.83 8.96 8.06
CA GLN A 436 -27.06 9.94 9.13
C GLN A 436 -26.01 11.04 9.11
N GLY A 437 -24.75 10.68 8.84
CA GLY A 437 -23.69 11.66 8.79
C GLY A 437 -23.34 12.23 10.15
N LEU A 438 -22.80 11.38 11.03
CA LEU A 438 -22.51 11.81 12.39
C LEU A 438 -21.35 12.80 12.43
N SER A 439 -20.30 12.53 11.67
CA SER A 439 -19.14 13.41 11.58
C SER A 439 -18.77 13.61 10.12
N THR A 440 -18.32 14.82 9.80
CA THR A 440 -17.94 15.16 8.44
C THR A 440 -16.52 15.70 8.44
N TRP A 441 -15.63 15.02 7.72
CA TRP A 441 -14.25 15.44 7.56
C TRP A 441 -14.06 16.33 6.34
N GLN A 442 -15.15 16.72 5.67
CA GLN A 442 -15.05 17.64 4.55
C GLN A 442 -14.75 19.06 5.02
N LYS A 443 -15.36 19.48 6.12
CA LYS A 443 -15.30 20.85 6.60
C LYS A 443 -14.34 20.93 7.79
N THR A 444 -14.29 22.11 8.40
CA THR A 444 -13.43 22.31 9.56
C THR A 444 -13.95 21.51 10.75
N PRO A 445 -13.07 21.16 11.70
CA PRO A 445 -13.53 20.38 12.86
C PRO A 445 -14.61 21.07 13.67
N ALA A 446 -14.62 22.40 13.70
CA ALA A 446 -15.67 23.10 14.43
C ALA A 446 -17.03 22.88 13.80
N GLU A 447 -17.10 22.81 12.47
CA GLU A 447 -18.37 22.57 11.79
C GLU A 447 -18.81 21.11 11.91
N SER A 448 -17.86 20.17 11.98
CA SER A 448 -18.22 18.77 12.06
C SER A 448 -18.87 18.42 13.39
N ARG A 449 -18.53 19.13 14.46
CA ARG A 449 -19.14 18.87 15.76
C ARG A 449 -20.62 19.17 15.78
N GLU A 450 -21.14 19.86 14.76
CA GLU A 450 -22.56 20.19 14.70
C GLU A 450 -23.42 18.92 14.60
N HIS A 451 -22.92 17.90 13.94
CA HIS A 451 -23.71 16.71 13.63
C HIS A 451 -23.55 15.60 14.65
N ASN A 452 -22.90 15.87 15.79
CA ASN A 452 -22.78 14.88 16.84
C ASN A 452 -24.14 14.61 17.47
N ARG A 453 -24.41 13.33 17.74
CA ARG A 453 -25.65 12.92 18.39
C ARG A 453 -25.32 11.92 19.50
N ASP A 454 -26.10 12.01 20.58
CA ASP A 454 -25.81 11.25 21.79
C ASP A 454 -26.00 9.75 21.55
N CYS A 455 -25.61 8.96 22.55
CA CYS A 455 -25.80 7.52 22.47
C CYS A 455 -27.29 7.19 22.45
N ILE A 456 -27.66 6.25 21.60
CA ILE A 456 -29.06 5.85 21.45
C ILE A 456 -29.32 4.48 22.06
N LEU A 457 -28.39 3.55 21.93
CA LEU A 457 -28.58 2.17 22.35
C LEU A 457 -27.78 1.90 23.62
N LEU A 458 -28.49 1.56 24.70
CA LEU A 458 -27.89 1.22 25.99
C LEU A 458 -27.02 2.33 26.55
N ASP A 459 -27.20 3.57 26.09
CA ASP A 459 -26.43 4.72 26.54
C ASP A 459 -24.93 4.53 26.32
N PHE A 460 -24.56 3.66 25.38
CA PHE A 460 -23.14 3.42 25.11
C PHE A 460 -22.82 3.49 23.62
N PHE A 461 -23.78 3.14 22.77
CA PHE A 461 -23.54 3.02 21.35
C PHE A 461 -24.31 4.06 20.57
N ASP A 462 -23.67 4.66 19.57
CA ASP A 462 -24.22 5.70 18.72
C ASP A 462 -24.62 5.11 17.36
N ASP A 463 -25.05 5.99 16.44
CA ASP A 463 -25.56 5.54 15.15
C ASP A 463 -24.49 4.78 14.36
N HIS A 464 -23.26 5.29 14.34
CA HIS A 464 -22.19 4.62 13.62
C HIS A 464 -21.90 3.25 14.20
N ASP A 465 -22.02 3.11 15.52
CA ASP A 465 -21.88 1.80 16.15
C ASP A 465 -22.97 0.85 15.69
N ILE A 466 -24.21 1.35 15.57
CA ILE A 466 -25.29 0.52 15.05
C ILE A 466 -25.02 0.13 13.60
N TRP A 467 -24.35 1.00 12.86
CA TRP A 467 -23.93 0.65 11.51
C TRP A 467 -22.98 -0.54 11.52
N HIS A 468 -22.02 -0.54 12.44
CA HIS A 468 -21.10 -1.67 12.55
C HIS A 468 -21.82 -2.94 12.94
N PHE A 469 -22.78 -2.83 13.86
CA PHE A 469 -23.55 -4.01 14.28
C PHE A 469 -24.42 -4.54 13.15
N LEU A 470 -24.90 -3.65 12.28
CA LEU A 470 -25.80 -4.09 11.22
C LEU A 470 -25.08 -4.36 9.91
N SER A 471 -23.96 -3.67 9.66
CA SER A 471 -23.18 -3.98 8.47
C SER A 471 -22.48 -5.32 8.62
N SER A 472 -22.22 -5.75 9.86
CA SER A 472 -21.63 -7.06 10.09
C SER A 472 -22.63 -8.16 9.80
N ILE A 473 -23.87 -8.02 10.31
CA ILE A 473 -24.88 -9.04 10.09
C ILE A 473 -25.35 -9.04 8.63
N ALA A 474 -25.48 -7.84 8.04
CA ALA A 474 -25.89 -7.75 6.64
C ALA A 474 -24.88 -8.43 5.74
N MET A 475 -23.59 -8.30 6.05
CA MET A 475 -22.58 -8.94 5.23
C MET A 475 -22.52 -10.44 5.50
N PHE A 476 -22.78 -10.84 6.75
CA PHE A 476 -22.86 -12.27 7.06
C PHE A 476 -23.99 -12.94 6.28
N GLY A 477 -25.16 -12.31 6.25
CA GLY A 477 -26.24 -12.84 5.43
C GLY A 477 -25.91 -12.76 3.95
N SER A 478 -25.12 -11.77 3.56
CA SER A 478 -24.71 -11.66 2.17
C SER A 478 -23.89 -12.86 1.72
N PHE A 479 -22.97 -13.32 2.57
CA PHE A 479 -22.24 -14.55 2.25
C PHE A 479 -23.15 -15.76 2.25
N LEU A 480 -24.02 -15.88 3.27
CA LEU A 480 -24.84 -17.07 3.40
C LEU A 480 -25.81 -17.20 2.23
N VAL A 481 -26.14 -16.09 1.56
CA VAL A 481 -26.88 -16.16 0.32
C VAL A 481 -26.07 -16.87 -0.74
N LEU A 482 -24.78 -16.50 -0.86
CA LEU A 482 -23.91 -17.12 -1.85
C LEU A 482 -23.68 -18.59 -1.54
N LEU A 483 -23.45 -18.94 -0.27
CA LEU A 483 -23.09 -20.30 0.08
C LEU A 483 -24.22 -21.28 -0.20
N THR A 484 -25.46 -20.88 0.08
CA THR A 484 -26.62 -21.77 -0.03
C THR A 484 -27.45 -21.50 -1.28
N LEU A 485 -26.93 -20.73 -2.23
CA LEU A 485 -27.74 -20.34 -3.38
C LEU A 485 -27.99 -21.50 -4.33
N ASP A 486 -26.95 -22.27 -4.64
CA ASP A 486 -27.01 -23.30 -5.67
C ASP A 486 -27.06 -24.70 -5.07
N ASP A 487 -27.54 -24.83 -3.83
CA ASP A 487 -27.63 -26.14 -3.21
C ASP A 487 -28.72 -27.01 -3.83
N ASP A 488 -29.76 -26.41 -4.41
CA ASP A 488 -30.86 -27.19 -4.97
C ASP A 488 -30.40 -28.05 -6.14
N LEU A 489 -29.36 -27.63 -6.85
CA LEU A 489 -28.85 -28.41 -7.97
C LEU A 489 -27.84 -29.45 -7.49
N VAL B 1 20.57 33.37 -0.99
CA VAL B 1 21.43 33.20 -2.21
C VAL B 1 20.72 33.87 -3.40
N THR B 2 21.48 34.26 -4.43
CA THR B 2 20.91 34.97 -5.60
C THR B 2 20.26 33.96 -6.56
N SER B 3 19.58 34.47 -7.59
CA SER B 3 18.90 33.58 -8.57
C SER B 3 19.92 32.94 -9.52
N GLU B 4 21.10 33.55 -9.65
CA GLU B 4 22.16 32.95 -10.49
C GLU B 4 22.42 31.53 -10.01
N ALA B 5 22.70 31.38 -8.71
CA ALA B 5 22.90 30.04 -8.13
C ALA B 5 21.80 29.05 -8.54
N TYR B 6 20.54 29.50 -8.66
CA TYR B 6 19.47 28.67 -9.22
C TYR B 6 19.76 28.26 -10.66
N VAL B 7 20.19 29.22 -11.50
CA VAL B 7 20.52 28.97 -12.90
C VAL B 7 21.73 28.04 -13.01
N SER B 8 22.78 28.29 -12.23
CA SER B 8 23.98 27.45 -12.23
C SER B 8 23.67 26.03 -11.78
N GLY B 9 22.86 25.85 -10.72
CA GLY B 9 22.41 24.55 -10.24
C GLY B 9 21.57 23.77 -11.27
N MET B 10 20.63 24.44 -11.95
CA MET B 10 19.83 23.84 -13.03
C MET B 10 20.69 23.44 -14.23
N LEU B 11 21.57 24.33 -14.70
CA LEU B 11 22.47 24.04 -15.83
C LEU B 11 23.46 22.93 -15.49
N PHE B 12 23.97 22.88 -14.27
CA PHE B 12 24.86 21.83 -13.80
C PHE B 12 24.17 20.46 -13.79
N CYS B 13 22.97 20.37 -13.19
CA CYS B 13 22.18 19.14 -13.16
C CYS B 13 21.85 18.65 -14.58
N LEU B 14 21.29 19.52 -15.43
CA LEU B 14 20.98 19.17 -16.83
C LEU B 14 22.24 18.80 -17.62
N GLY B 15 23.33 19.54 -17.44
CA GLY B 15 24.61 19.31 -18.12
C GLY B 15 25.19 17.92 -17.83
N ILE B 16 25.19 17.50 -16.56
CA ILE B 16 25.65 16.16 -16.16
C ILE B 16 24.81 15.08 -16.86
N PHE B 17 23.48 15.13 -16.74
CA PHE B 17 22.66 14.03 -17.27
C PHE B 17 22.55 14.03 -18.80
N LEU B 18 22.49 15.20 -19.44
CA LEU B 18 22.51 15.30 -20.91
C LEU B 18 23.84 14.81 -21.50
N SER B 19 24.95 14.87 -20.75
CA SER B 19 26.22 14.29 -21.19
C SER B 19 26.13 12.78 -21.44
N PHE B 20 25.33 12.04 -20.65
CA PHE B 20 25.09 10.61 -20.87
C PHE B 20 24.28 10.37 -22.13
N TYR B 21 23.28 11.20 -22.43
CA TYR B 21 22.54 11.14 -23.69
C TYR B 21 23.47 11.39 -24.88
N LEU B 22 24.31 12.42 -24.83
CA LEU B 22 25.29 12.70 -25.87
C LEU B 22 26.27 11.53 -26.03
N LEU B 23 26.80 10.98 -24.94
CA LEU B 23 27.70 9.82 -24.96
C LEU B 23 27.04 8.60 -25.62
N THR B 24 25.78 8.29 -25.27
CA THR B 24 25.07 7.14 -25.87
C THR B 24 24.80 7.34 -27.37
N VAL B 25 24.47 8.56 -27.80
CA VAL B 25 24.32 8.89 -29.23
C VAL B 25 25.65 8.76 -29.96
N LEU B 26 26.74 9.26 -29.39
CA LEU B 26 28.09 9.13 -29.96
C LEU B 26 28.52 7.67 -30.08
N LEU B 27 28.25 6.84 -29.06
CA LEU B 27 28.51 5.40 -29.10
C LEU B 27 27.65 4.70 -30.16
N ALA B 28 26.37 5.03 -30.27
CA ALA B 28 25.48 4.47 -31.30
C ALA B 28 25.94 4.87 -32.73
N CYS B 29 26.35 6.12 -32.92
CA CYS B 29 26.92 6.61 -34.17
C CYS B 29 28.23 5.89 -34.50
N TRP B 30 29.11 5.70 -33.51
CA TRP B 30 30.34 4.93 -33.68
C TRP B 30 30.02 3.49 -34.11
N PHE B 118 6.34 -6.39 -15.16
CA PHE B 118 5.92 -5.25 -15.95
C PHE B 118 5.48 -4.09 -15.06
N TRP B 119 4.17 -4.02 -14.81
CA TRP B 119 3.58 -2.98 -13.98
C TRP B 119 3.26 -3.45 -12.58
N ASN B 120 3.66 -4.67 -12.22
CA ASN B 120 3.37 -5.19 -10.89
C ASN B 120 4.04 -4.34 -9.82
N ILE B 121 5.32 -4.03 -9.99
CA ILE B 121 6.01 -3.16 -9.05
C ILE B 121 5.47 -1.73 -9.14
N ALA B 122 5.13 -1.29 -10.36
CA ALA B 122 4.58 0.05 -10.53
C ALA B 122 3.26 0.20 -9.79
N THR B 123 2.39 -0.81 -9.88
CA THR B 123 1.10 -0.72 -9.21
C THR B 123 1.25 -0.85 -7.70
N ILE B 124 2.22 -1.65 -7.24
CA ILE B 124 2.33 -1.94 -5.81
C ILE B 124 2.65 -0.68 -5.02
N ALA B 125 3.61 0.11 -5.51
CA ALA B 125 3.99 1.31 -4.77
C ALA B 125 3.10 2.50 -5.10
N VAL B 126 2.37 2.45 -6.22
CA VAL B 126 1.28 3.40 -6.42
C VAL B 126 0.26 3.26 -5.28
N PHE B 127 0.03 2.02 -4.85
CA PHE B 127 -0.75 1.80 -3.63
C PHE B 127 -0.04 2.38 -2.41
N TYR B 128 1.30 2.29 -2.39
CA TYR B 128 2.06 2.70 -1.22
C TYR B 128 2.32 4.20 -1.21
N ALA B 129 2.79 4.75 -2.34
CA ALA B 129 3.26 6.13 -2.37
C ALA B 129 2.13 7.15 -2.20
N LEU B 130 0.96 6.89 -2.77
CA LEU B 130 -0.10 7.89 -2.77
C LEU B 130 -0.55 8.29 -1.37
N PRO B 131 -0.77 7.38 -0.41
CA PRO B 131 -1.05 7.86 0.96
C PRO B 131 0.07 8.68 1.55
N VAL B 132 1.32 8.37 1.19
CA VAL B 132 2.45 9.19 1.61
C VAL B 132 2.41 10.55 0.92
N VAL B 133 1.96 10.60 -0.33
CA VAL B 133 1.90 11.87 -1.06
C VAL B 133 0.95 12.84 -0.36
N GLN B 134 -0.21 12.35 0.06
CA GLN B 134 -1.18 13.22 0.74
C GLN B 134 -0.62 13.77 2.04
N LEU B 135 0.07 12.92 2.82
CA LEU B 135 0.60 13.36 4.10
C LEU B 135 1.61 14.49 3.91
N VAL B 136 2.47 14.39 2.90
CA VAL B 136 3.47 15.43 2.65
C VAL B 136 2.78 16.75 2.32
N ILE B 137 1.78 16.72 1.44
CA ILE B 137 1.08 17.93 1.05
C ILE B 137 0.34 18.53 2.24
N THR B 138 -0.35 17.68 3.01
CA THR B 138 -1.08 18.16 4.18
C THR B 138 -0.13 18.77 5.21
N TYR B 139 1.00 18.09 5.47
CA TYR B 139 1.96 18.61 6.44
C TYR B 139 2.63 19.89 5.94
N GLN B 140 2.96 19.94 4.65
CA GLN B 140 3.62 21.13 4.11
C GLN B 140 2.71 22.35 4.20
N THR B 141 1.42 22.18 3.91
CA THR B 141 0.49 23.28 4.06
C THR B 141 0.43 23.76 5.50
N VAL B 142 0.49 22.82 6.46
CA VAL B 142 0.46 23.19 7.88
C VAL B 142 1.65 24.07 8.22
N VAL B 143 2.84 23.68 7.77
CA VAL B 143 4.04 24.46 8.06
C VAL B 143 3.92 25.86 7.46
N ASN B 144 3.39 25.96 6.24
CA ASN B 144 3.28 27.25 5.57
C ASN B 144 2.34 28.19 6.32
N VAL B 145 1.22 27.66 6.84
CA VAL B 145 0.20 28.52 7.42
C VAL B 145 0.33 28.63 8.94
N THR B 146 0.72 27.55 9.62
CA THR B 146 0.80 27.60 11.08
C THR B 146 2.00 28.43 11.53
N GLY B 147 3.12 28.34 10.80
CA GLY B 147 4.35 28.98 11.18
C GLY B 147 5.29 28.10 11.97
N ASN B 148 4.80 26.98 12.47
CA ASN B 148 5.62 26.03 13.21
C ASN B 148 6.51 25.25 12.24
N GLN B 149 7.82 25.35 12.44
CA GLN B 149 8.80 24.70 11.57
C GLN B 149 9.36 23.43 12.18
N ASP B 150 8.66 22.84 13.14
CA ASP B 150 9.09 21.62 13.80
C ASP B 150 8.50 20.37 13.19
N ILE B 151 7.75 20.51 12.10
CA ILE B 151 7.11 19.39 11.44
C ILE B 151 8.06 18.68 10.48
N CYS B 152 8.65 19.42 9.55
CA CYS B 152 9.46 18.86 8.49
C CYS B 152 10.92 18.86 8.89
N TYR B 153 11.62 17.77 8.59
CA TYR B 153 13.01 17.59 8.99
C TYR B 153 13.93 17.99 7.83
N TYR B 154 13.93 19.28 7.53
CA TYR B 154 14.69 19.80 6.40
C TYR B 154 16.17 19.86 6.77
N ASN B 155 16.96 20.46 5.88
CA ASN B 155 18.34 20.85 6.15
C ASN B 155 18.34 22.37 6.17
N PHE B 156 17.99 22.95 7.31
CA PHE B 156 17.65 24.37 7.38
C PHE B 156 18.84 25.29 7.14
N LEU B 157 20.07 24.79 7.29
CA LEU B 157 21.22 25.62 6.98
C LEU B 157 21.36 25.86 5.48
N CYS B 158 20.94 24.89 4.67
CA CYS B 158 21.04 25.01 3.22
C CYS B 158 19.79 24.34 2.63
N ALA B 159 18.76 25.16 2.41
CA ALA B 159 17.49 24.69 1.85
C ALA B 159 16.83 25.87 1.17
N HIS B 160 16.91 25.92 -0.16
CA HIS B 160 16.57 27.11 -0.90
C HIS B 160 15.14 27.02 -1.42
N PRO B 161 14.26 27.94 -1.06
CA PRO B 161 12.85 27.83 -1.45
C PRO B 161 12.57 28.39 -2.84
N LEU B 162 11.41 28.00 -3.35
CA LEU B 162 10.88 28.56 -4.60
C LEU B 162 9.38 28.33 -4.61
N GLY B 163 8.61 29.40 -4.78
CA GLY B 163 7.16 29.28 -4.68
C GLY B 163 6.76 28.97 -3.24
N ASN B 164 5.88 27.99 -3.08
CA ASN B 164 5.48 27.54 -1.76
C ASN B 164 6.38 26.45 -1.19
N LEU B 165 7.36 25.98 -1.96
CA LEU B 165 8.21 24.89 -1.55
C LEU B 165 9.33 25.41 -0.66
N SER B 166 9.67 24.65 0.38
CA SER B 166 10.61 25.10 1.40
C SER B 166 12.05 24.71 1.09
N ALA B 167 12.25 23.57 0.43
CA ALA B 167 13.57 23.12 0.02
C ALA B 167 13.49 22.69 -1.44
N PHE B 168 13.67 23.65 -2.35
CA PHE B 168 13.54 23.36 -3.77
C PHE B 168 14.72 22.58 -4.31
N ASN B 169 15.91 22.75 -3.74
CA ASN B 169 17.07 22.01 -4.19
C ASN B 169 16.93 20.52 -3.93
N ASN B 170 16.33 20.16 -2.79
CA ASN B 170 16.18 18.74 -2.46
C ASN B 170 15.20 18.05 -3.41
N ILE B 171 14.18 18.76 -3.90
CA ILE B 171 13.32 18.19 -4.91
C ILE B 171 14.03 18.13 -6.26
N LEU B 172 14.78 19.18 -6.60
CA LEU B 172 15.47 19.24 -7.88
C LEU B 172 16.62 18.24 -7.95
N SER B 173 17.12 17.78 -6.81
CA SER B 173 18.26 16.85 -6.83
C SER B 173 17.89 15.50 -7.41
N ASN B 174 16.61 15.13 -7.42
CA ASN B 174 16.18 13.85 -7.94
C ASN B 174 15.96 13.85 -9.45
N LEU B 175 16.22 14.98 -10.12
CA LEU B 175 16.00 15.07 -11.55
C LEU B 175 16.80 14.01 -12.31
N GLY B 176 17.93 13.58 -11.76
CA GLY B 176 18.74 12.55 -12.38
C GLY B 176 18.01 11.24 -12.53
N TYR B 177 17.20 10.88 -11.53
CA TYR B 177 16.47 9.63 -11.58
C TYR B 177 15.54 9.58 -12.78
N ILE B 178 14.96 10.72 -13.15
CA ILE B 178 14.04 10.76 -14.28
C ILE B 178 14.81 10.67 -15.60
N LEU B 179 15.79 11.55 -15.79
CA LEU B 179 16.51 11.59 -17.07
C LEU B 179 17.40 10.37 -17.25
N LEU B 180 18.18 10.02 -16.22
CA LEU B 180 19.10 8.88 -16.35
C LEU B 180 18.34 7.56 -16.28
N GLY B 181 17.29 7.50 -15.46
CA GLY B 181 16.49 6.29 -15.43
C GLY B 181 15.77 6.03 -16.73
N LEU B 182 15.22 7.09 -17.34
CA LEU B 182 14.62 6.96 -18.66
C LEU B 182 15.65 6.50 -19.68
N LEU B 183 16.90 6.94 -19.53
CA LEU B 183 17.94 6.56 -20.47
C LEU B 183 18.17 5.06 -20.47
N PHE B 184 17.79 4.38 -19.38
CA PHE B 184 17.90 2.92 -19.36
C PHE B 184 16.85 2.28 -20.26
N LEU B 185 15.76 2.99 -20.53
CA LEU B 185 14.72 2.43 -21.38
C LEU B 185 15.12 2.47 -22.86
N LEU B 186 15.71 3.57 -23.32
CA LEU B 186 16.12 3.65 -24.71
C LEU B 186 17.22 2.64 -25.02
N ILE B 187 18.16 2.45 -24.10
CA ILE B 187 19.28 1.55 -24.38
C ILE B 187 18.80 0.10 -24.45
N ILE B 188 17.86 -0.28 -23.59
CA ILE B 188 17.29 -1.62 -23.66
C ILE B 188 16.34 -1.73 -24.84
N LEU B 189 15.61 -0.66 -25.17
CA LEU B 189 14.72 -0.69 -26.32
C LEU B 189 15.51 -0.68 -27.63
N GLN B 190 16.61 0.08 -27.67
CA GLN B 190 17.47 0.06 -28.85
C GLN B 190 18.06 -1.31 -29.08
N ARG B 191 18.46 -1.99 -28.00
CA ARG B 191 18.91 -3.37 -28.11
C ARG B 191 17.77 -4.28 -28.57
N GLU B 192 16.57 -4.06 -28.03
CA GLU B 192 15.44 -4.93 -28.37
C GLU B 192 15.06 -4.82 -29.84
N ILE B 193 15.01 -3.59 -30.37
CA ILE B 193 14.70 -3.42 -31.79
C ILE B 193 15.82 -3.96 -32.67
N ASN B 194 17.08 -3.79 -32.24
CA ASN B 194 18.18 -4.40 -32.97
C ASN B 194 18.10 -5.92 -32.92
N HIS B 195 17.73 -6.48 -31.77
CA HIS B 195 17.58 -7.92 -31.65
C HIS B 195 16.48 -8.43 -32.58
N ASN B 196 15.35 -7.72 -32.64
CA ASN B 196 14.25 -8.17 -33.47
C ASN B 196 14.57 -8.03 -34.96
N ARG B 197 15.27 -6.96 -35.33
CA ARG B 197 15.66 -6.79 -36.72
C ARG B 197 16.67 -7.85 -37.15
N ALA B 198 17.63 -8.17 -36.30
CA ALA B 198 18.63 -9.19 -36.63
C ALA B 198 17.99 -10.56 -36.79
N LEU B 199 17.05 -10.91 -35.90
CA LEU B 199 16.41 -12.22 -35.95
C LEU B 199 15.54 -12.39 -37.19
N LEU B 200 15.02 -11.31 -37.75
CA LEU B 200 14.17 -11.38 -38.94
C LEU B 200 14.98 -11.86 -40.15
N ILE B 211 22.90 -17.29 -23.82
CA ILE B 211 22.38 -16.43 -22.76
C ILE B 211 20.91 -16.12 -23.02
N PRO B 212 20.06 -16.42 -22.02
CA PRO B 212 18.62 -16.22 -22.21
C PRO B 212 18.29 -14.76 -22.50
N LYS B 213 17.34 -14.56 -23.41
CA LYS B 213 16.89 -13.23 -23.81
C LYS B 213 15.53 -12.95 -23.18
N HIS B 214 15.50 -12.02 -22.23
CA HIS B 214 14.27 -11.63 -21.56
C HIS B 214 14.40 -10.16 -21.19
N PHE B 215 13.89 -9.28 -22.06
CA PHE B 215 14.00 -7.85 -21.85
C PHE B 215 12.92 -7.29 -20.95
N GLY B 216 11.96 -8.11 -20.51
CA GLY B 216 10.86 -7.60 -19.71
C GLY B 216 11.31 -7.07 -18.35
N LEU B 217 12.19 -7.81 -17.68
CA LEU B 217 12.59 -7.40 -16.33
C LEU B 217 13.42 -6.12 -16.36
N PHE B 218 14.15 -5.88 -17.45
CA PHE B 218 14.91 -4.64 -17.56
C PHE B 218 13.98 -3.43 -17.61
N TYR B 219 12.83 -3.58 -18.27
CA TYR B 219 11.84 -2.50 -18.28
C TYR B 219 11.30 -2.25 -16.88
N ALA B 220 11.18 -3.31 -16.07
CA ALA B 220 10.69 -3.15 -14.71
C ALA B 220 11.66 -2.33 -13.87
N MET B 221 12.96 -2.56 -14.04
CA MET B 221 13.96 -1.74 -13.36
C MET B 221 13.92 -0.30 -13.89
N GLY B 222 13.61 -0.14 -15.17
CA GLY B 222 13.56 1.20 -15.74
C GLY B 222 12.46 2.05 -15.12
N THR B 223 11.24 1.52 -15.07
CA THR B 223 10.15 2.29 -14.48
C THR B 223 10.30 2.38 -12.97
N ALA B 224 11.07 1.46 -12.37
CA ALA B 224 11.38 1.58 -10.95
C ALA B 224 12.24 2.81 -10.69
N LEU B 225 13.22 3.07 -11.56
CA LEU B 225 14.09 4.21 -11.37
C LEU B 225 13.37 5.53 -11.62
N MET B 226 12.40 5.55 -12.55
CA MET B 226 11.59 6.74 -12.74
C MET B 226 10.72 7.02 -11.52
N MET B 227 10.25 5.96 -10.85
CA MET B 227 9.41 6.16 -9.68
C MET B 227 10.21 6.69 -8.50
N GLU B 228 11.55 6.66 -8.58
CA GLU B 228 12.35 7.49 -7.68
C GLU B 228 12.08 8.95 -7.93
N GLY B 229 12.09 9.37 -9.19
CA GLY B 229 11.99 10.78 -9.51
C GLY B 229 10.66 11.39 -9.16
N LEU B 230 9.66 10.57 -8.87
CA LEU B 230 8.36 11.09 -8.48
C LEU B 230 8.18 11.01 -6.95
N LEU B 231 8.30 9.80 -6.39
CA LEU B 231 8.05 9.64 -4.96
C LEU B 231 9.19 10.26 -4.13
N SER B 232 10.44 9.98 -4.49
CA SER B 232 11.54 10.54 -3.71
C SER B 232 11.61 12.06 -3.84
N ALA B 233 11.03 12.61 -4.90
CA ALA B 233 10.84 14.06 -4.98
C ALA B 233 9.71 14.51 -4.06
N CYS B 234 8.61 13.75 -4.03
CA CYS B 234 7.48 14.10 -3.19
C CYS B 234 7.81 13.97 -1.71
N TYR B 235 8.66 13.00 -1.35
CA TYR B 235 9.04 12.83 0.05
C TYR B 235 9.78 14.04 0.57
N HIS B 236 10.70 14.60 -0.22
CA HIS B 236 11.57 15.67 0.25
C HIS B 236 10.85 17.01 0.39
N VAL B 237 9.61 17.12 -0.10
CA VAL B 237 8.85 18.35 0.09
C VAL B 237 8.67 18.64 1.58
N CYS B 238 8.45 17.60 2.38
CA CYS B 238 8.40 17.74 3.83
C CYS B 238 8.75 16.40 4.45
N PRO B 239 10.01 16.17 4.82
CA PRO B 239 10.40 14.89 5.41
C PRO B 239 9.90 14.75 6.84
N ASN B 240 9.53 13.52 7.20
CA ASN B 240 9.06 13.23 8.55
C ASN B 240 9.15 11.74 8.84
N TYR B 241 9.04 11.40 10.12
CA TYR B 241 9.04 10.01 10.54
C TYR B 241 7.87 9.25 9.94
N THR B 242 6.67 9.83 9.97
CA THR B 242 5.51 9.14 9.46
C THR B 242 5.62 8.88 7.96
N ASN B 243 6.50 9.62 7.28
CA ASN B 243 6.63 9.57 5.82
C ASN B 243 8.02 9.14 5.37
N PHE B 244 8.86 8.65 6.30
CA PHE B 244 10.26 8.45 5.99
C PHE B 244 10.50 7.31 5.00
N GLN B 245 9.87 6.16 5.22
CA GLN B 245 10.42 4.88 4.77
C GLN B 245 10.65 4.85 3.26
N PHE B 246 9.68 5.31 2.48
CA PHE B 246 9.71 5.07 1.04
C PHE B 246 10.81 5.83 0.32
N ASP B 247 11.45 6.80 0.98
CA ASP B 247 12.52 7.53 0.32
C ASP B 247 13.71 6.62 0.02
N THR B 248 14.02 5.70 0.93
CA THR B 248 15.09 4.75 0.74
C THR B 248 14.62 3.31 0.61
N SER B 249 13.37 3.02 0.96
CA SER B 249 12.85 1.67 0.79
C SER B 249 12.78 1.29 -0.69
N PHE B 250 12.58 2.28 -1.55
CA PHE B 250 12.45 2.00 -3.00
C PHE B 250 13.79 1.48 -3.51
N MET B 251 14.88 1.97 -2.90
CA MET B 251 16.24 1.53 -3.31
C MET B 251 16.29 0.01 -3.14
N TYR B 252 15.76 -0.50 -2.03
CA TYR B 252 15.81 -1.96 -1.76
C TYR B 252 15.06 -2.72 -2.86
N MET B 253 13.89 -2.21 -3.23
CA MET B 253 13.06 -2.91 -4.26
C MET B 253 13.89 -3.07 -5.53
N ILE B 254 14.48 -1.97 -6.00
CA ILE B 254 15.32 -2.04 -7.23
C ILE B 254 16.48 -2.98 -6.95
N ALA B 255 17.08 -2.87 -5.77
CA ALA B 255 18.23 -3.74 -5.40
C ALA B 255 17.79 -5.20 -5.51
N GLY B 256 16.61 -5.53 -4.97
CA GLY B 256 16.11 -6.91 -5.02
C GLY B 256 15.89 -7.37 -6.45
N LEU B 257 15.28 -6.51 -7.27
CA LEU B 257 15.07 -6.87 -8.69
C LEU B 257 16.43 -7.15 -9.33
N CYS B 258 17.41 -6.28 -9.09
CA CYS B 258 18.77 -6.52 -9.64
C CYS B 258 19.17 -7.95 -9.27
N MET B 259 18.92 -8.34 -8.02
CA MET B 259 19.31 -9.69 -7.57
C MET B 259 18.57 -10.74 -8.41
N LEU B 260 17.31 -10.46 -8.76
CA LEU B 260 16.44 -11.48 -9.41
C LEU B 260 17.04 -11.88 -10.76
N LYS B 261 17.45 -10.90 -11.56
CA LYS B 261 18.03 -11.19 -12.89
C LYS B 261 19.31 -12.02 -12.68
N LEU B 262 20.06 -11.69 -11.62
CA LEU B 262 21.29 -12.46 -11.31
C LEU B 262 20.88 -13.92 -11.09
N TYR B 263 19.80 -14.13 -10.34
CA TYR B 263 19.29 -15.50 -10.09
C TYR B 263 18.73 -16.08 -11.40
N GLN B 264 18.34 -15.18 -12.32
CA GLN B 264 17.75 -15.64 -13.61
C GLN B 264 18.88 -15.97 -14.60
N LYS B 265 20.13 -15.90 -14.15
CA LYS B 265 21.26 -16.29 -15.03
C LYS B 265 20.93 -17.64 -15.66
N ARG B 266 20.50 -18.61 -14.85
CA ARG B 266 20.10 -19.94 -15.37
C ARG B 266 18.58 -20.09 -15.26
N HIS B 267 17.86 -19.86 -16.36
CA HIS B 267 16.38 -19.95 -16.34
C HIS B 267 15.87 -19.94 -17.79
N ILE B 270 10.34 -15.59 -13.69
CA ILE B 270 10.76 -14.23 -13.34
C ILE B 270 9.59 -13.41 -12.81
N ASN B 271 8.44 -13.50 -13.48
CA ASN B 271 7.32 -12.62 -13.15
C ASN B 271 6.78 -12.89 -11.75
N ALA B 272 6.62 -14.17 -11.39
CA ALA B 272 6.03 -14.50 -10.09
C ALA B 272 6.89 -14.01 -8.94
N SER B 273 8.21 -14.17 -9.04
CA SER B 273 9.10 -13.77 -7.96
C SER B 273 9.21 -12.26 -7.85
N ALA B 274 9.02 -11.54 -8.95
CA ALA B 274 9.07 -10.08 -8.91
C ALA B 274 7.98 -9.51 -8.02
N TYR B 275 6.76 -10.05 -8.14
CA TYR B 275 5.67 -9.59 -7.28
C TYR B 275 5.95 -9.89 -5.82
N SER B 276 6.45 -11.09 -5.53
CA SER B 276 6.77 -11.45 -4.15
C SER B 276 7.89 -10.56 -3.61
N ALA B 277 8.92 -10.30 -4.42
CA ALA B 277 10.03 -9.49 -3.97
C ALA B 277 9.57 -8.09 -3.58
N TYR B 278 8.70 -7.48 -4.40
CA TYR B 278 8.11 -6.21 -4.02
C TYR B 278 7.18 -6.38 -2.81
N ALA B 279 6.44 -7.50 -2.78
CA ALA B 279 5.54 -7.75 -1.65
C ALA B 279 6.32 -8.06 -0.37
N CYS B 280 7.37 -8.89 -0.48
CA CYS B 280 8.16 -9.22 0.69
C CYS B 280 8.84 -7.99 1.27
N LEU B 281 9.32 -7.10 0.39
CA LEU B 281 9.99 -5.90 0.85
C LEU B 281 9.01 -4.91 1.45
N ALA B 282 7.78 -4.89 0.94
CA ALA B 282 6.75 -4.05 1.56
C ALA B 282 6.49 -4.49 2.99
N ILE B 283 6.43 -5.80 3.23
CA ILE B 283 6.28 -6.31 4.58
C ILE B 283 7.47 -5.91 5.46
N VAL B 284 8.67 -6.02 4.91
CA VAL B 284 9.88 -5.71 5.67
C VAL B 284 9.88 -4.25 6.10
N ILE B 285 9.39 -3.36 5.24
CA ILE B 285 9.34 -1.94 5.57
C ILE B 285 8.54 -1.71 6.83
N PHE B 286 7.35 -2.32 6.92
CA PHE B 286 6.47 -2.06 8.06
C PHE B 286 6.92 -2.84 9.28
N PHE B 287 7.46 -4.05 9.08
CA PHE B 287 8.04 -4.78 10.20
C PHE B 287 9.19 -4.00 10.82
N SER B 288 9.96 -3.28 9.98
CA SER B 288 10.96 -2.36 10.51
C SER B 288 10.30 -1.22 11.28
N VAL B 289 9.21 -0.68 10.75
CA VAL B 289 8.54 0.45 11.41
C VAL B 289 7.95 0.03 12.75
N LEU B 290 7.42 -1.19 12.82
CA LEU B 290 6.83 -1.67 14.07
C LEU B 290 7.89 -1.76 15.16
N GLY B 291 9.05 -2.35 14.85
CA GLY B 291 10.11 -2.44 15.83
C GLY B 291 10.71 -1.08 16.17
N VAL B 292 10.86 -0.21 15.16
CA VAL B 292 11.45 1.11 15.37
C VAL B 292 10.56 2.05 16.15
N VAL B 293 9.31 1.69 16.42
CA VAL B 293 8.45 2.51 17.28
C VAL B 293 9.09 2.68 18.65
N PHE B 294 9.68 1.60 19.17
CA PHE B 294 10.44 1.64 20.42
C PHE B 294 11.95 1.65 20.14
N GLY B 295 12.36 2.36 19.10
CA GLY B 295 13.75 2.30 18.66
C GLY B 295 14.73 2.72 19.74
N LYS B 296 14.36 3.71 20.54
CA LYS B 296 15.22 4.14 21.64
C LYS B 296 15.37 2.99 22.64
N GLY B 297 16.56 2.43 22.72
CA GLY B 297 16.81 1.30 23.61
C GLY B 297 16.09 0.03 23.21
N ASN B 298 16.03 -0.27 21.91
CA ASN B 298 15.39 -1.50 21.43
C ASN B 298 16.43 -2.62 21.37
N THR B 299 16.82 -3.07 22.57
CA THR B 299 17.82 -4.12 22.67
C THR B 299 17.34 -5.42 22.05
N ALA B 300 16.04 -5.72 22.19
CA ALA B 300 15.49 -6.94 21.60
C ALA B 300 15.63 -6.93 20.08
N PHE B 301 15.32 -5.79 19.45
CA PHE B 301 15.51 -5.70 18.00
C PHE B 301 16.98 -5.77 17.61
N TRP B 302 17.88 -5.33 18.50
CA TRP B 302 19.30 -5.44 18.21
C TRP B 302 19.77 -6.89 18.15
N ILE B 303 19.11 -7.79 18.85
CA ILE B 303 19.46 -9.20 18.86
C ILE B 303 18.61 -10.00 17.88
N VAL B 304 17.29 -9.76 17.87
CA VAL B 304 16.39 -10.52 17.01
C VAL B 304 16.74 -10.30 15.54
N PHE B 305 17.08 -9.07 15.18
CA PHE B 305 17.45 -8.78 13.79
C PHE B 305 18.70 -9.54 13.38
N SER B 306 19.68 -9.64 14.29
CA SER B 306 20.90 -10.37 13.98
C SER B 306 20.63 -11.86 13.75
N ILE B 307 19.78 -12.45 14.58
CA ILE B 307 19.43 -13.86 14.40
C ILE B 307 18.68 -14.05 13.09
N ILE B 308 17.75 -13.14 12.78
CA ILE B 308 17.04 -13.21 11.51
C ILE B 308 18.02 -13.01 10.36
N HIS B 309 18.96 -12.09 10.51
CA HIS B 309 19.95 -11.84 9.46
C HIS B 309 20.80 -13.08 9.20
N ILE B 310 21.20 -13.78 10.27
CA ILE B 310 22.00 -15.00 10.11
C ILE B 310 21.18 -16.09 9.42
N ILE B 311 19.94 -16.27 9.85
CA ILE B 311 19.08 -17.31 9.27
C ILE B 311 18.78 -16.98 7.81
N ALA B 312 18.46 -15.73 7.51
CA ALA B 312 18.09 -15.36 6.15
C ALA B 312 19.25 -15.55 5.18
N THR B 313 20.46 -15.18 5.60
CA THR B 313 21.63 -15.35 4.73
C THR B 313 21.89 -16.82 4.43
N LEU B 314 21.80 -17.67 5.45
CA LEU B 314 22.03 -19.10 5.24
C LEU B 314 20.99 -19.68 4.28
N LEU B 315 19.72 -19.34 4.48
CA LEU B 315 18.67 -19.83 3.59
C LEU B 315 18.86 -19.31 2.17
N LEU B 316 19.21 -18.02 2.03
CA LEU B 316 19.51 -17.48 0.70
C LEU B 316 20.73 -18.17 0.10
N SER B 317 21.76 -18.41 0.91
CA SER B 317 22.92 -19.16 0.44
C SER B 317 22.53 -20.59 0.08
N THR B 318 21.70 -21.22 0.90
CA THR B 318 21.29 -22.60 0.64
C THR B 318 20.50 -22.71 -0.65
N GLN B 319 19.59 -21.76 -0.89
CA GLN B 319 18.78 -21.79 -2.11
C GLN B 319 19.65 -21.65 -3.35
N LEU B 320 20.66 -20.80 -3.29
CA LEU B 320 21.57 -20.59 -4.41
C LEU B 320 22.47 -21.81 -4.62
N VAL B 354 32.09 -26.98 -4.31
CA VAL B 354 33.15 -26.58 -3.38
C VAL B 354 33.34 -25.07 -3.40
N ASP B 355 33.48 -24.52 -4.61
CA ASP B 355 33.67 -23.08 -4.74
C ASP B 355 32.48 -22.31 -4.20
N ARG B 356 31.26 -22.77 -4.53
CA ARG B 356 30.06 -22.09 -4.02
C ARG B 356 29.94 -22.22 -2.50
N MET B 357 30.19 -23.41 -1.97
CA MET B 357 30.03 -23.63 -0.53
C MET B 357 31.02 -22.80 0.28
N VAL B 358 32.29 -22.79 -0.14
CA VAL B 358 33.29 -21.99 0.57
C VAL B 358 32.98 -20.50 0.45
N LEU B 359 32.55 -20.08 -0.74
CA LEU B 359 32.30 -18.66 -0.99
C LEU B 359 31.16 -18.14 -0.13
N LEU B 360 30.07 -18.91 -0.02
CA LEU B 360 28.96 -18.48 0.82
C LEU B 360 29.32 -18.49 2.30
N VAL B 361 30.24 -19.36 2.71
CA VAL B 361 30.68 -19.37 4.10
C VAL B 361 31.40 -18.06 4.41
N MET B 362 32.27 -17.61 3.51
CA MET B 362 32.95 -16.33 3.71
C MET B 362 31.96 -15.18 3.72
N GLY B 363 30.98 -15.20 2.82
CA GLY B 363 29.98 -14.15 2.82
C GLY B 363 29.16 -14.12 4.09
N ASN B 364 28.82 -15.29 4.63
CA ASN B 364 28.12 -15.35 5.91
C ASN B 364 28.99 -14.80 7.04
N VAL B 365 30.29 -15.14 7.03
CA VAL B 365 31.18 -14.71 8.10
C VAL B 365 31.27 -13.19 8.14
N ILE B 366 31.48 -12.57 6.98
CA ILE B 366 31.57 -11.11 6.93
C ILE B 366 30.21 -10.47 7.22
N ASN B 367 29.12 -11.10 6.78
CA ASN B 367 27.79 -10.58 7.10
C ASN B 367 27.54 -10.61 8.60
N TRP B 368 27.97 -11.69 9.27
CA TRP B 368 27.88 -11.73 10.72
C TRP B 368 28.78 -10.68 11.36
N SER B 369 29.91 -10.38 10.73
CA SER B 369 30.79 -9.33 11.25
C SER B 369 30.13 -7.97 11.18
N LEU B 370 29.45 -7.67 10.07
CA LEU B 370 28.75 -6.39 9.96
C LEU B 370 27.62 -6.30 10.97
N ALA B 371 26.86 -7.39 11.16
CA ALA B 371 25.82 -7.40 12.18
C ALA B 371 26.42 -7.23 13.57
N ALA B 372 27.56 -7.87 13.81
CA ALA B 372 28.24 -7.71 15.10
C ALA B 372 28.65 -6.26 15.31
N TYR B 373 29.09 -5.58 14.25
CA TYR B 373 29.38 -4.15 14.35
C TYR B 373 28.11 -3.36 14.66
N GLY B 374 26.99 -3.72 14.04
CA GLY B 374 25.74 -3.05 14.33
C GLY B 374 25.25 -3.30 15.74
N LEU B 375 25.41 -4.53 16.24
CA LEU B 375 24.96 -4.85 17.58
C LEU B 375 25.83 -4.19 18.64
N ILE B 376 27.14 -4.09 18.39
CA ILE B 376 28.05 -3.58 19.41
C ILE B 376 28.05 -2.06 19.43
N MET B 377 28.31 -1.43 18.28
CA MET B 377 28.52 0.02 18.27
C MET B 377 27.19 0.78 18.40
N ARG B 378 26.24 0.47 17.53
CA ARG B 378 24.96 1.19 17.47
C ARG B 378 25.14 2.70 17.37
N PRO B 379 25.88 3.19 16.37
CA PRO B 379 26.11 4.63 16.25
C PRO B 379 25.04 5.38 15.46
N ASN B 380 24.26 4.67 14.64
CA ASN B 380 23.21 5.26 13.83
C ASN B 380 21.95 4.43 13.99
N ASP B 381 20.84 4.95 13.46
CA ASP B 381 19.59 4.23 13.51
C ASP B 381 19.65 2.98 12.64
N PHE B 382 18.71 2.06 12.89
CA PHE B 382 18.60 0.86 12.07
C PHE B 382 18.41 1.21 10.60
N ALA B 383 17.73 2.33 10.31
CA ALA B 383 17.43 2.69 8.93
C ALA B 383 18.71 2.88 8.12
N SER B 384 19.72 3.52 8.72
CA SER B 384 21.00 3.66 8.02
C SER B 384 21.65 2.30 7.81
N TYR B 385 21.52 1.39 8.77
CA TYR B 385 22.15 0.08 8.66
C TYR B 385 21.53 -0.74 7.53
N LEU B 386 20.21 -0.70 7.37
CA LEU B 386 19.57 -1.55 6.36
C LEU B 386 20.03 -1.19 4.96
N LEU B 387 20.15 0.10 4.66
CA LEU B 387 20.67 0.51 3.36
C LEU B 387 22.13 0.12 3.22
N ALA B 388 22.89 0.18 4.32
CA ALA B 388 24.28 -0.25 4.30
C ALA B 388 24.37 -1.74 3.98
N ILE B 389 23.48 -2.55 4.55
CA ILE B 389 23.50 -3.99 4.32
C ILE B 389 23.22 -4.30 2.85
N GLY B 390 22.24 -3.62 2.26
CA GLY B 390 21.81 -3.97 0.92
C GLY B 390 22.87 -3.69 -0.12
N ILE B 391 23.52 -2.53 -0.04
CA ILE B 391 24.50 -2.16 -1.05
C ILE B 391 25.74 -3.05 -0.97
N CYS B 392 26.21 -3.33 0.25
CA CYS B 392 27.40 -4.16 0.40
C CYS B 392 27.14 -5.58 -0.09
N ASN B 393 25.99 -6.15 0.26
CA ASN B 393 25.64 -7.48 -0.24
C ASN B 393 25.49 -7.47 -1.76
N LEU B 394 24.86 -6.43 -2.30
CA LEU B 394 24.74 -6.29 -3.75
C LEU B 394 26.12 -6.25 -4.40
N LEU B 395 27.03 -5.42 -3.86
CA LEU B 395 28.38 -5.37 -4.38
C LEU B 395 29.08 -6.71 -4.19
N LEU B 396 28.88 -7.35 -3.05
CA LEU B 396 29.39 -8.70 -2.86
C LEU B 396 28.78 -9.65 -3.87
N TYR B 397 27.46 -9.58 -4.06
CA TYR B 397 26.81 -10.43 -5.05
C TYR B 397 27.30 -10.11 -6.46
N PHE B 398 27.48 -8.82 -6.76
CA PHE B 398 28.10 -8.43 -8.03
C PHE B 398 29.49 -9.03 -8.18
N ALA B 399 30.30 -8.94 -7.11
CA ALA B 399 31.65 -9.47 -7.16
C ALA B 399 31.64 -10.99 -7.32
N PHE B 400 30.72 -11.66 -6.63
CA PHE B 400 30.74 -13.13 -6.61
C PHE B 400 30.51 -13.71 -8.00
N TYR B 401 29.56 -13.15 -8.75
CA TYR B 401 29.29 -13.63 -10.11
C TYR B 401 30.53 -13.53 -10.98
N ILE B 402 31.39 -12.55 -10.72
CA ILE B 402 32.64 -12.44 -11.45
C ILE B 402 33.58 -13.59 -11.08
N ILE B 403 33.54 -14.03 -9.82
CA ILE B 403 34.40 -15.12 -9.39
C ILE B 403 34.09 -16.40 -10.14
N MET B 404 32.81 -16.74 -10.29
CA MET B 404 32.44 -17.85 -11.16
C MET B 404 32.87 -17.59 -12.59
N LYS B 405 32.68 -16.36 -13.07
CA LYS B 405 33.10 -16.04 -14.43
C LYS B 405 34.62 -16.05 -14.56
N LEU B 406 35.33 -15.60 -13.52
CA LEU B 406 36.79 -15.61 -13.55
C LEU B 406 37.35 -17.02 -13.40
N ARG B 407 36.78 -17.83 -12.50
CA ARG B 407 37.23 -19.20 -12.33
C ARG B 407 37.00 -20.01 -13.60
N SER B 408 35.86 -19.82 -14.24
CA SER B 408 35.59 -20.49 -15.50
C SER B 408 36.46 -19.90 -16.61
N GLY B 409 36.50 -20.61 -17.74
CA GLY B 409 37.29 -20.16 -18.88
C GLY B 409 36.81 -18.87 -19.51
N GLU B 410 35.60 -18.43 -19.18
CA GLU B 410 35.09 -17.18 -19.73
C GLU B 410 35.94 -16.00 -19.29
N ARG B 411 36.21 -15.09 -20.23
CA ARG B 411 36.99 -13.90 -19.96
C ARG B 411 36.09 -12.67 -20.03
N ILE B 412 36.17 -11.82 -19.01
CA ILE B 412 35.32 -10.64 -18.95
C ILE B 412 35.75 -9.65 -20.02
N LYS B 413 34.76 -9.13 -20.77
CA LYS B 413 35.05 -8.15 -21.80
C LYS B 413 35.48 -6.82 -21.17
N LEU B 414 36.08 -5.96 -22.00
CA LEU B 414 36.62 -4.71 -21.49
C LEU B 414 35.52 -3.82 -20.89
N ILE B 415 34.38 -3.73 -21.56
CA ILE B 415 33.31 -2.84 -21.09
C ILE B 415 32.77 -3.26 -19.72
N PRO B 416 32.36 -4.52 -19.50
CA PRO B 416 31.91 -4.89 -18.14
C PRO B 416 33.00 -4.74 -17.09
N LEU B 417 34.25 -5.03 -17.44
CA LEU B 417 35.34 -4.92 -16.46
C LEU B 417 35.52 -3.48 -16.00
N LEU B 418 35.51 -2.53 -16.94
CA LEU B 418 35.51 -1.12 -16.56
C LEU B 418 34.23 -0.76 -15.84
N CYS B 419 33.09 -1.28 -16.32
CA CYS B 419 31.80 -0.95 -15.71
C CYS B 419 31.73 -1.45 -14.27
N ILE B 420 32.27 -2.64 -14.01
CA ILE B 420 32.28 -3.16 -12.64
C ILE B 420 33.10 -2.26 -11.74
N VAL B 421 34.26 -1.83 -12.21
CA VAL B 421 35.08 -0.90 -11.44
C VAL B 421 34.37 0.45 -11.33
N CYS B 422 33.86 0.96 -12.45
CA CYS B 422 33.22 2.28 -12.46
C CYS B 422 31.98 2.31 -11.58
N THR B 423 31.18 1.24 -11.62
CA THR B 423 30.04 1.14 -10.72
C THR B 423 30.50 1.09 -9.27
N SER B 424 31.56 0.32 -9.00
CA SER B 424 31.99 0.11 -7.62
C SER B 424 32.56 1.37 -7.00
N VAL B 425 33.36 2.13 -7.75
CA VAL B 425 33.99 3.32 -7.19
C VAL B 425 32.93 4.37 -6.88
N VAL B 426 31.93 4.50 -7.74
CA VAL B 426 30.87 5.48 -7.49
C VAL B 426 30.04 5.07 -6.29
N TRP B 427 29.74 3.77 -6.16
CA TRP B 427 29.06 3.29 -4.96
C TRP B 427 29.90 3.53 -3.72
N GLY B 428 31.22 3.67 -3.87
CA GLY B 428 32.06 3.96 -2.72
C GLY B 428 31.74 5.29 -2.07
N PHE B 429 31.77 6.37 -2.87
CA PHE B 429 31.41 7.68 -2.33
C PHE B 429 29.96 7.74 -1.90
N ALA B 430 29.05 7.11 -2.67
CA ALA B 430 27.64 7.16 -2.32
C ALA B 430 27.39 6.63 -0.92
N LEU B 431 28.10 5.56 -0.54
CA LEU B 431 28.03 5.10 0.84
C LEU B 431 28.62 6.12 1.79
N PHE B 432 29.73 6.75 1.41
CA PHE B 432 30.36 7.76 2.25
C PHE B 432 29.44 8.95 2.47
N PHE B 433 28.77 9.40 1.41
CA PHE B 433 27.88 10.55 1.53
C PHE B 433 26.60 10.22 2.28
N PHE B 434 26.18 8.95 2.24
CA PHE B 434 24.97 8.56 2.96
C PHE B 434 25.20 8.52 4.47
N PHE B 435 26.38 8.09 4.90
CA PHE B 435 26.67 7.96 6.33
C PHE B 435 26.92 9.29 7.02
N GLN B 436 26.77 10.41 6.31
CA GLN B 436 26.99 11.71 6.94
C GLN B 436 25.93 12.02 7.99
N GLY B 437 24.68 11.64 7.74
CA GLY B 437 23.61 11.88 8.67
C GLY B 437 23.26 13.35 8.82
N LEU B 438 22.72 13.93 7.76
CA LEU B 438 22.41 15.37 7.77
C LEU B 438 21.26 15.67 8.71
N SER B 439 20.21 14.87 8.66
CA SER B 439 19.05 15.03 9.53
C SER B 439 18.68 13.70 10.14
N THR B 440 18.23 13.74 11.40
CA THR B 440 17.86 12.52 12.11
C THR B 440 16.43 12.67 12.62
N TRP B 441 15.55 11.79 12.17
CA TRP B 441 14.16 11.74 12.62
C TRP B 441 13.97 10.84 13.82
N GLN B 442 15.06 10.32 14.41
CA GLN B 442 14.96 9.51 15.61
C GLN B 442 14.66 10.38 16.84
N LYS B 443 15.27 11.55 16.92
CA LYS B 443 15.19 12.41 18.08
C LYS B 443 14.23 13.56 17.82
N THR B 444 14.17 14.50 18.76
CA THR B 444 13.32 15.66 18.62
C THR B 444 13.83 16.56 17.51
N PRO B 445 12.95 17.37 16.90
CA PRO B 445 13.41 18.25 15.82
C PRO B 445 14.48 19.23 16.23
N ALA B 446 14.49 19.65 17.51
CA ALA B 446 15.54 20.56 17.97
C ALA B 446 16.90 19.90 17.94
N GLU B 447 16.97 18.61 18.26
CA GLU B 447 18.23 17.89 18.22
C GLU B 447 18.69 17.58 16.81
N SER B 448 17.75 17.38 15.89
CA SER B 448 18.11 17.04 14.52
C SER B 448 18.76 18.21 13.80
N ARG B 449 18.41 19.45 14.17
CA ARG B 449 19.02 20.61 13.55
C ARG B 449 20.50 20.72 13.84
N GLU B 450 21.01 19.95 14.79
CA GLU B 450 22.44 20.00 15.12
C GLU B 450 23.30 19.54 13.95
N HIS B 451 22.80 18.61 13.14
CA HIS B 451 23.60 17.97 12.11
C HIS B 451 23.44 18.63 10.74
N ASN B 452 22.79 19.78 10.68
CA ASN B 452 22.67 20.50 9.43
C ASN B 452 24.03 21.04 8.98
N ARG B 453 24.31 20.92 7.69
CA ARG B 453 25.54 21.44 7.10
C ARG B 453 25.21 22.21 5.83
N ASP B 454 25.99 23.27 5.59
CA ASP B 454 25.70 24.20 4.52
C ASP B 454 25.89 23.55 3.16
N CYS B 455 25.50 24.27 2.11
CA CYS B 455 25.70 23.78 0.75
C CYS B 455 27.18 23.67 0.46
N ILE B 456 27.57 22.58 -0.20
CA ILE B 456 28.96 22.32 -0.54
C ILE B 456 29.23 22.53 -2.02
N LEU B 457 28.30 22.12 -2.88
CA LEU B 457 28.50 22.12 -4.32
C LEU B 457 27.70 23.25 -4.94
N LEU B 458 28.39 24.19 -5.58
CA LEU B 458 27.80 25.33 -6.29
C LEU B 458 26.92 26.19 -5.38
N ASP B 459 27.11 26.10 -4.07
CA ASP B 459 26.32 26.85 -3.10
C ASP B 459 24.83 26.59 -3.23
N PHE B 460 24.45 25.44 -3.79
CA PHE B 460 23.05 25.10 -3.95
C PHE B 460 22.73 23.70 -3.44
N PHE B 461 23.70 22.78 -3.53
CA PHE B 461 23.45 21.38 -3.23
C PHE B 461 24.24 20.94 -2.00
N ASP B 462 23.58 20.16 -1.15
CA ASP B 462 24.14 19.65 0.09
C ASP B 462 24.55 18.18 -0.07
N ASP B 463 24.96 17.56 1.04
CA ASP B 463 25.48 16.20 0.98
C ASP B 463 24.43 15.22 0.48
N HIS B 464 23.19 15.34 0.97
CA HIS B 464 22.13 14.45 0.53
C HIS B 464 21.84 14.61 -0.95
N ASP B 465 21.96 15.83 -1.47
CA ASP B 465 21.82 16.06 -2.89
C ASP B 465 22.92 15.34 -3.67
N ILE B 466 24.14 15.37 -3.16
CA ILE B 466 25.24 14.65 -3.78
C ILE B 466 24.97 13.15 -3.75
N TRP B 467 24.30 12.69 -2.70
CA TRP B 467 23.89 11.28 -2.64
C TRP B 467 22.95 10.95 -3.79
N HIS B 468 21.97 11.82 -4.06
CA HIS B 468 21.06 11.59 -5.17
C HIS B 468 21.79 11.60 -6.51
N PHE B 469 22.75 12.52 -6.67
CA PHE B 469 23.51 12.60 -7.91
C PHE B 469 24.39 11.35 -8.09
N LEU B 470 24.87 10.78 -6.98
CA LEU B 470 25.78 9.65 -7.09
C LEU B 470 25.05 8.32 -6.98
N SER B 471 23.95 8.26 -6.24
CA SER B 471 23.16 7.03 -6.20
C SER B 471 22.46 6.79 -7.53
N SER B 472 22.21 7.86 -8.29
CA SER B 472 21.63 7.70 -9.62
C SER B 472 22.64 7.09 -10.59
N ILE B 473 23.85 7.62 -10.60
CA ILE B 473 24.88 7.12 -11.51
C ILE B 473 25.35 5.74 -11.07
N ALA B 474 25.49 5.51 -9.76
CA ALA B 474 25.90 4.22 -9.27
C ALA B 474 24.90 3.14 -9.66
N MET B 475 23.61 3.46 -9.63
CA MET B 475 22.59 2.50 -10.00
C MET B 475 22.54 2.31 -11.52
N PHE B 476 22.80 3.40 -12.28
CA PHE B 476 22.88 3.28 -13.73
C PHE B 476 24.02 2.35 -14.15
N GLY B 477 25.19 2.50 -13.53
CA GLY B 477 26.27 1.56 -13.79
C GLY B 477 25.95 0.17 -13.29
N SER B 478 25.15 0.09 -12.23
CA SER B 478 24.74 -1.22 -11.71
C SER B 478 23.93 -1.99 -12.74
N PHE B 479 23.01 -1.32 -13.44
CA PHE B 479 22.28 -1.98 -14.51
C PHE B 479 23.21 -2.33 -15.67
N LEU B 480 24.06 -1.38 -16.08
CA LEU B 480 24.90 -1.61 -17.25
C LEU B 480 25.87 -2.76 -17.04
N VAL B 481 26.19 -3.07 -15.78
CA VAL B 481 26.94 -4.28 -15.49
C VAL B 481 26.12 -5.50 -15.86
N LEU B 482 24.85 -5.52 -15.48
CA LEU B 482 23.98 -6.65 -15.78
C LEU B 482 23.74 -6.78 -17.29
N LEU B 483 23.53 -5.66 -17.97
CA LEU B 483 23.16 -5.72 -19.39
C LEU B 483 24.30 -6.27 -20.23
N THR B 484 25.54 -5.89 -19.93
CA THR B 484 26.69 -6.24 -20.75
C THR B 484 27.53 -7.36 -20.14
N LEU B 485 27.02 -8.05 -19.12
CA LEU B 485 27.83 -9.03 -18.41
C LEU B 485 28.08 -10.28 -19.25
N ASP B 486 27.04 -10.80 -19.89
CA ASP B 486 27.11 -12.08 -20.58
C ASP B 486 27.17 -11.91 -22.10
N ASP B 487 27.64 -10.76 -22.58
CA ASP B 487 27.74 -10.54 -24.02
C ASP B 487 28.83 -11.38 -24.67
N ASP B 488 29.87 -11.77 -23.92
CA ASP B 488 30.97 -12.52 -24.51
C ASP B 488 30.53 -13.90 -24.98
N LEU B 489 29.49 -14.46 -24.38
CA LEU B 489 28.97 -15.76 -24.80
C LEU B 489 27.97 -15.60 -25.94
#